data_1GV1
#
_entry.id   1GV1
#
_cell.length_a   64.425
_cell.length_b   85.824
_cell.length_c   117.498
_cell.angle_alpha   90.00
_cell.angle_beta   104.61
_cell.angle_gamma   90.00
#
_symmetry.space_group_name_H-M   'P 1 21 1'
#
loop_
_entity.id
_entity.type
_entity.pdbx_description
1 polymer 'MALATE DEHYDROGENASE'
2 water water
#
_entity_poly.entity_id   1
_entity_poly.type   'polypeptide(L)'
_entity_poly.pdbx_seq_one_letter_code
;MKITVIGAGNVGATTAFRIADKKLARELVLLDVVEGIPQGKGLDMYETGPVGLFDTKITGSNDYADTADSDIVIITAGLP
RKPGMTREDLLMKNAGIVKEVTDNIMKHSKNPIIIVVSNPLDIMTHVAWVRSGLPKERVIGMAGVLDAARFRSFIAMELG
VSMQDINACVLGGHGDAMVPVVKYTTVAGIPISDLLPAETIDKLVERTRNGGAEIVEHLKQGSAFYAPASSVVEMVESIV
LDRKRVLPCAVGLEGQYGIDKTFVGVPVKLGRNGVEQIYEINLDQADLDLLQKSAKIVDENCKMLESTIG
;
_entity_poly.pdbx_strand_id   A,B,C,D
#
# COMPACT_ATOMS: atom_id res chain seq x y z
N MET A 1 -7.25 18.19 -5.03
CA MET A 1 -6.45 17.76 -6.21
C MET A 1 -7.37 17.23 -7.31
N LYS A 2 -7.49 17.99 -8.39
CA LYS A 2 -8.31 17.58 -9.52
C LYS A 2 -7.36 17.24 -10.66
N ILE A 3 -7.65 16.14 -11.35
CA ILE A 3 -6.79 15.70 -12.43
C ILE A 3 -7.59 15.25 -13.64
N THR A 4 -7.16 15.73 -14.80
CA THR A 4 -7.79 15.37 -16.07
C THR A 4 -6.83 14.56 -16.95
N VAL A 5 -7.39 13.55 -17.61
CA VAL A 5 -6.64 12.67 -18.50
C VAL A 5 -7.38 12.71 -19.81
N ILE A 6 -6.67 13.13 -20.86
CA ILE A 6 -7.26 13.27 -22.19
C ILE A 6 -7.02 12.04 -23.06
N GLY A 7 -8.10 11.48 -23.59
CA GLY A 7 -7.99 10.29 -24.42
C GLY A 7 -8.35 8.99 -23.72
N ALA A 8 -9.39 8.31 -24.19
CA ALA A 8 -9.84 7.05 -23.60
C ALA A 8 -9.35 5.75 -24.24
N GLY A 9 -8.07 5.71 -24.61
CA GLY A 9 -7.52 4.49 -25.18
C GLY A 9 -6.79 3.77 -24.08
N ASN A 10 -6.24 2.59 -24.36
CA ASN A 10 -5.54 1.84 -23.31
C ASN A 10 -4.55 2.63 -22.45
N VAL A 11 -3.90 3.65 -23.01
CA VAL A 11 -2.93 4.43 -22.26
C VAL A 11 -3.54 5.37 -21.23
N GLY A 12 -4.60 6.08 -21.60
CA GLY A 12 -5.26 7.00 -20.69
C GLY A 12 -6.06 6.32 -19.58
N ALA A 13 -6.96 5.43 -19.97
CA ALA A 13 -7.77 4.71 -19.02
C ALA A 13 -6.88 4.05 -17.95
N THR A 14 -5.87 3.29 -18.36
CA THR A 14 -4.97 2.64 -17.42
C THR A 14 -4.28 3.65 -16.51
N THR A 15 -4.05 4.86 -17.03
CA THR A 15 -3.40 5.87 -16.21
C THR A 15 -4.42 6.45 -15.20
N ALA A 16 -5.66 6.62 -15.65
CA ALA A 16 -6.74 7.14 -14.81
C ALA A 16 -7.03 6.17 -13.65
N PHE A 17 -7.23 4.91 -13.99
CA PHE A 17 -7.50 3.89 -13.00
C PHE A 17 -6.42 3.84 -11.93
N ARG A 18 -5.16 3.67 -12.34
CA ARG A 18 -4.06 3.60 -11.39
C ARG A 18 -3.94 4.83 -10.50
N ILE A 19 -4.29 6.00 -11.03
CA ILE A 19 -4.22 7.20 -10.21
C ILE A 19 -5.28 7.11 -9.10
N ALA A 20 -6.50 6.69 -9.48
CA ALA A 20 -7.60 6.54 -8.54
C ALA A 20 -7.25 5.49 -7.50
N ASP A 21 -6.76 4.35 -7.96
CA ASP A 21 -6.41 3.26 -7.07
C ASP A 21 -5.35 3.64 -6.03
N LYS A 22 -4.48 4.59 -6.37
CA LYS A 22 -3.41 5.00 -5.47
C LYS A 22 -3.79 6.16 -4.56
N LYS A 23 -5.02 6.63 -4.70
CA LYS A 23 -5.48 7.73 -3.87
C LYS A 23 -4.52 8.92 -4.04
N LEU A 24 -4.42 9.41 -5.27
CA LEU A 24 -3.55 10.55 -5.57
C LEU A 24 -4.35 11.76 -6.00
N ALA A 25 -5.67 11.60 -6.04
CA ALA A 25 -6.59 12.67 -6.42
C ALA A 25 -7.98 12.46 -5.76
N ARG A 26 -8.71 13.56 -5.56
CA ARG A 26 -10.04 13.48 -4.98
C ARG A 26 -11.06 13.38 -6.10
N GLU A 27 -10.78 14.12 -7.18
CA GLU A 27 -11.64 14.12 -8.35
C GLU A 27 -10.79 13.77 -9.58
N LEU A 28 -11.40 13.09 -10.54
CA LEU A 28 -10.72 12.68 -11.76
C LEU A 28 -11.68 12.68 -12.96
N VAL A 29 -11.27 13.28 -14.06
CA VAL A 29 -12.12 13.33 -15.27
C VAL A 29 -11.44 12.61 -16.42
N LEU A 30 -12.22 11.83 -17.17
CA LEU A 30 -11.71 11.10 -18.33
C LEU A 30 -12.47 11.63 -19.54
N LEU A 31 -11.76 12.34 -20.41
CA LEU A 31 -12.38 12.96 -21.58
C LEU A 31 -11.82 12.56 -22.95
N ASP A 32 -12.73 12.33 -23.90
CA ASP A 32 -12.36 11.97 -25.25
C ASP A 32 -13.44 12.48 -26.19
N VAL A 33 -13.10 12.61 -27.46
CA VAL A 33 -14.04 13.12 -28.45
C VAL A 33 -15.14 12.14 -28.83
N VAL A 34 -14.85 10.84 -28.71
CA VAL A 34 -15.83 9.79 -29.03
C VAL A 34 -17.09 9.90 -28.17
N GLU A 35 -18.15 9.17 -28.54
CA GLU A 35 -19.42 9.21 -27.81
C GLU A 35 -19.49 8.48 -26.46
N GLY A 36 -19.83 7.19 -26.47
CA GLY A 36 -19.96 6.46 -25.22
C GLY A 36 -18.74 5.90 -24.52
N ILE A 37 -17.61 5.81 -25.21
CA ILE A 37 -16.40 5.23 -24.64
C ILE A 37 -15.89 5.83 -23.33
N PRO A 38 -15.77 7.15 -23.23
CA PRO A 38 -15.27 7.68 -21.96
C PRO A 38 -16.32 7.52 -20.84
N GLN A 39 -17.59 7.56 -21.23
CA GLN A 39 -18.67 7.40 -20.29
C GLN A 39 -18.62 6.00 -19.67
N GLY A 40 -18.52 4.99 -20.51
CA GLY A 40 -18.47 3.61 -20.04
C GLY A 40 -17.27 3.24 -19.20
N LYS A 41 -16.07 3.55 -19.68
CA LYS A 41 -14.87 3.21 -18.93
C LYS A 41 -14.85 3.95 -17.60
N GLY A 42 -15.39 5.17 -17.62
CA GLY A 42 -15.44 5.97 -16.40
C GLY A 42 -16.35 5.35 -15.32
N LEU A 43 -17.55 4.94 -15.72
CA LEU A 43 -18.52 4.33 -14.81
C LEU A 43 -17.96 3.00 -14.25
N ASP A 44 -17.57 2.07 -15.13
CA ASP A 44 -17.03 0.79 -14.72
C ASP A 44 -15.85 1.00 -13.75
N MET A 45 -15.13 2.10 -13.92
CA MET A 45 -13.97 2.44 -13.09
C MET A 45 -14.39 2.86 -11.68
N TYR A 46 -15.52 3.55 -11.62
CA TYR A 46 -16.08 4.04 -10.37
C TYR A 46 -16.70 2.88 -9.61
N GLU A 47 -17.39 2.00 -10.33
CA GLU A 47 -18.03 0.81 -9.76
C GLU A 47 -16.99 -0.12 -9.13
N THR A 48 -15.72 0.29 -9.15
CA THR A 48 -14.65 -0.52 -8.58
C THR A 48 -14.26 0.02 -7.19
N GLY A 49 -14.75 1.22 -6.88
CA GLY A 49 -14.47 1.85 -5.59
C GLY A 49 -14.64 0.91 -4.41
N PRO A 50 -15.74 0.12 -4.36
CA PRO A 50 -16.00 -0.83 -3.27
C PRO A 50 -14.84 -1.81 -3.06
N VAL A 51 -14.53 -2.58 -4.09
CA VAL A 51 -13.45 -3.57 -4.07
C VAL A 51 -12.07 -2.99 -3.79
N GLY A 52 -11.73 -1.90 -4.50
CA GLY A 52 -10.44 -1.27 -4.36
C GLY A 52 -10.21 -0.42 -3.12
N LEU A 53 -11.30 0.04 -2.49
CA LEU A 53 -11.19 0.85 -1.28
C LEU A 53 -10.76 2.31 -1.49
N PHE A 54 -11.29 2.94 -2.54
CA PHE A 54 -10.98 4.34 -2.81
C PHE A 54 -12.29 5.06 -3.05
N ASP A 55 -12.33 6.36 -2.75
CA ASP A 55 -13.55 7.14 -2.94
C ASP A 55 -13.48 8.30 -3.95
N THR A 56 -12.55 8.21 -4.89
CA THR A 56 -12.36 9.24 -5.91
C THR A 56 -13.60 9.41 -6.81
N LYS A 57 -13.97 10.66 -7.09
CA LYS A 57 -15.12 10.93 -7.96
C LYS A 57 -14.60 10.78 -9.38
N ILE A 58 -15.20 9.90 -10.17
CA ILE A 58 -14.74 9.67 -11.53
C ILE A 58 -15.81 9.92 -12.57
N THR A 59 -15.47 10.71 -13.58
CA THR A 59 -16.42 11.03 -14.64
C THR A 59 -15.79 10.97 -16.04
N GLY A 60 -16.50 10.33 -16.96
CA GLY A 60 -16.04 10.22 -18.33
C GLY A 60 -16.88 11.18 -19.14
N SER A 61 -16.24 12.02 -19.95
CA SER A 61 -17.00 13.01 -20.71
C SER A 61 -16.49 13.38 -22.09
N ASN A 62 -17.32 14.16 -22.78
CA ASN A 62 -17.04 14.69 -24.11
C ASN A 62 -16.98 16.22 -24.04
N ASP A 63 -17.33 16.78 -22.87
CA ASP A 63 -17.37 18.24 -22.67
C ASP A 63 -16.18 18.78 -21.86
N TYR A 64 -15.35 19.59 -22.51
CA TYR A 64 -14.17 20.16 -21.86
C TYR A 64 -14.48 20.99 -20.63
N ALA A 65 -15.73 21.41 -20.49
CA ALA A 65 -16.13 22.22 -19.33
C ALA A 65 -15.93 21.42 -18.05
N ASP A 66 -15.96 20.10 -18.16
CA ASP A 66 -15.78 19.22 -17.01
C ASP A 66 -14.38 19.23 -16.41
N THR A 67 -13.43 19.81 -17.12
CA THR A 67 -12.04 19.83 -16.61
C THR A 67 -11.67 21.12 -15.90
N ALA A 68 -12.64 22.00 -15.70
CA ALA A 68 -12.40 23.28 -15.06
C ALA A 68 -11.59 23.20 -13.77
N ASP A 69 -10.62 24.11 -13.68
CA ASP A 69 -9.74 24.23 -12.52
C ASP A 69 -8.91 23.01 -12.15
N SER A 70 -8.43 22.25 -13.14
CA SER A 70 -7.61 21.08 -12.86
C SER A 70 -6.22 21.50 -12.41
N ASP A 71 -5.65 20.76 -11.46
CA ASP A 71 -4.31 21.03 -10.93
C ASP A 71 -3.22 20.40 -11.81
N ILE A 72 -3.60 19.32 -12.49
CA ILE A 72 -2.70 18.59 -13.35
C ILE A 72 -3.46 18.04 -14.55
N VAL A 73 -2.87 18.17 -15.73
CA VAL A 73 -3.49 17.65 -16.95
C VAL A 73 -2.49 16.73 -17.65
N ILE A 74 -2.98 15.60 -18.14
CA ILE A 74 -2.16 14.61 -18.82
C ILE A 74 -2.69 14.34 -20.23
N ILE A 75 -1.85 14.60 -21.23
CA ILE A 75 -2.25 14.41 -22.62
C ILE A 75 -1.73 13.10 -23.19
N THR A 76 -2.64 12.30 -23.71
CA THR A 76 -2.28 11.02 -24.30
C THR A 76 -2.87 10.87 -25.70
N ALA A 77 -3.87 11.70 -26.02
CA ALA A 77 -4.49 11.64 -27.33
C ALA A 77 -3.38 11.70 -28.38
N GLY A 78 -3.68 11.22 -29.58
CA GLY A 78 -2.69 11.23 -30.65
C GLY A 78 -2.41 9.86 -31.27
N LEU A 79 -1.60 9.07 -30.55
CA LEU A 79 -1.17 7.72 -30.93
C LEU A 79 0.21 7.70 -31.60
N PRO A 80 1.05 6.70 -31.24
CA PRO A 80 2.41 6.48 -31.73
C PRO A 80 2.64 6.53 -33.22
N ARG A 81 2.33 5.45 -33.93
CA ARG A 81 2.57 5.40 -35.37
C ARG A 81 1.94 4.18 -36.01
N LYS A 82 0.80 4.38 -36.66
CA LYS A 82 0.10 3.29 -37.31
C LYS A 82 1.01 2.62 -38.34
N PRO A 83 1.16 1.29 -38.28
CA PRO A 83 2.01 0.52 -39.21
C PRO A 83 1.72 0.79 -40.68
N GLY A 84 2.76 1.11 -41.44
CA GLY A 84 2.62 1.41 -42.85
C GLY A 84 2.29 2.88 -43.06
N MET A 85 2.53 3.68 -42.02
CA MET A 85 2.25 5.11 -42.05
C MET A 85 3.52 5.95 -42.15
N THR A 86 3.44 7.04 -42.90
CA THR A 86 4.55 7.97 -43.12
C THR A 86 4.98 8.68 -41.84
N ARG A 87 6.28 8.98 -41.74
CA ARG A 87 6.81 9.67 -40.57
C ARG A 87 6.32 11.11 -40.51
N GLU A 88 6.23 11.77 -41.67
CA GLU A 88 5.76 13.14 -41.71
C GLU A 88 4.24 13.17 -41.66
N ASP A 89 3.64 12.05 -42.01
CA ASP A 89 2.19 11.90 -42.02
C ASP A 89 1.67 11.93 -40.59
N LEU A 90 2.49 11.44 -39.67
CA LEU A 90 2.12 11.42 -38.26
C LEU A 90 2.53 12.71 -37.56
N LEU A 91 3.54 13.39 -38.08
CA LEU A 91 3.99 14.64 -37.50
C LEU A 91 2.95 15.72 -37.77
N MET A 92 1.99 15.41 -38.64
CA MET A 92 0.92 16.35 -38.98
C MET A 92 -0.30 16.15 -38.07
N LYS A 93 -0.83 14.94 -38.05
CA LYS A 93 -2.00 14.62 -37.24
C LYS A 93 -1.77 15.00 -35.78
N ASN A 94 -0.75 14.41 -35.19
CA ASN A 94 -0.43 14.65 -33.80
C ASN A 94 -0.21 16.13 -33.46
N ALA A 95 0.63 16.82 -34.23
CA ALA A 95 0.90 18.23 -33.99
C ALA A 95 -0.39 19.05 -34.04
N GLY A 96 -1.28 18.68 -34.97
CA GLY A 96 -2.55 19.37 -35.08
C GLY A 96 -3.48 19.03 -33.90
N ILE A 97 -3.38 17.80 -33.42
CA ILE A 97 -4.20 17.31 -32.31
C ILE A 97 -3.74 17.89 -30.96
N VAL A 98 -2.43 17.88 -30.73
CA VAL A 98 -1.85 18.39 -29.50
C VAL A 98 -2.10 19.87 -29.29
N LYS A 99 -2.03 20.66 -30.37
CA LYS A 99 -2.23 22.09 -30.22
C LYS A 99 -3.70 22.42 -30.09
N GLU A 100 -4.57 21.47 -30.43
CA GLU A 100 -6.00 21.71 -30.31
C GLU A 100 -6.49 21.37 -28.91
N VAL A 101 -5.95 20.30 -28.34
CA VAL A 101 -6.32 19.89 -26.98
C VAL A 101 -5.85 20.97 -26.01
N THR A 102 -4.57 21.32 -26.10
CA THR A 102 -4.00 22.34 -25.24
C THR A 102 -4.83 23.63 -25.34
N ASP A 103 -5.27 23.95 -26.55
CA ASP A 103 -6.07 25.14 -26.79
C ASP A 103 -7.34 25.08 -25.95
N ASN A 104 -8.09 23.99 -26.11
CA ASN A 104 -9.33 23.80 -25.38
C ASN A 104 -9.26 23.76 -23.85
N ILE A 105 -8.26 23.11 -23.27
CA ILE A 105 -8.23 23.09 -21.81
C ILE A 105 -7.73 24.36 -21.14
N MET A 106 -6.98 25.19 -21.85
CA MET A 106 -6.52 26.43 -21.23
C MET A 106 -7.71 27.36 -21.12
N LYS A 107 -8.81 26.98 -21.79
CA LYS A 107 -10.04 27.75 -21.71
C LYS A 107 -10.74 27.51 -20.38
N HIS A 108 -10.28 26.52 -19.60
CA HIS A 108 -10.91 26.23 -18.31
C HIS A 108 -9.96 26.10 -17.12
N SER A 109 -8.67 25.89 -17.36
CA SER A 109 -7.69 25.80 -16.27
C SER A 109 -6.58 26.82 -16.50
N LYS A 110 -6.46 27.79 -15.60
CA LYS A 110 -5.46 28.84 -15.76
C LYS A 110 -4.00 28.56 -15.49
N ASN A 111 -3.67 27.70 -14.53
CA ASN A 111 -2.27 27.43 -14.23
C ASN A 111 -1.96 26.00 -13.84
N PRO A 112 -2.35 25.04 -14.69
CA PRO A 112 -2.06 23.66 -14.32
C PRO A 112 -0.62 23.31 -14.62
N ILE A 113 -0.24 22.11 -14.25
CA ILE A 113 1.07 21.60 -14.60
C ILE A 113 0.63 20.61 -15.65
N ILE A 114 1.36 20.52 -16.75
CA ILE A 114 0.97 19.61 -17.81
C ILE A 114 2.04 18.56 -18.07
N ILE A 115 1.57 17.34 -18.36
CA ILE A 115 2.47 16.24 -18.68
C ILE A 115 2.03 15.68 -20.03
N VAL A 116 2.96 15.66 -20.98
CA VAL A 116 2.69 15.17 -22.33
C VAL A 116 3.17 13.76 -22.57
N VAL A 117 2.34 12.98 -23.25
CA VAL A 117 2.65 11.59 -23.59
C VAL A 117 2.29 11.32 -25.05
N SER A 118 2.21 12.40 -25.85
CA SER A 118 1.89 12.28 -27.27
C SER A 118 3.20 12.10 -28.04
N ASN A 119 3.21 11.21 -29.03
CA ASN A 119 4.43 10.95 -29.82
C ASN A 119 4.52 11.68 -31.15
N PRO A 120 5.74 12.13 -31.53
CA PRO A 120 7.03 12.00 -30.84
C PRO A 120 7.10 12.90 -29.61
N LEU A 121 7.57 12.36 -28.49
CA LEU A 121 7.59 13.15 -27.27
C LEU A 121 8.30 14.50 -27.26
N ASP A 122 9.62 14.52 -27.41
CA ASP A 122 10.37 15.79 -27.39
C ASP A 122 9.83 16.92 -28.25
N ILE A 123 9.21 16.59 -29.37
CA ILE A 123 8.66 17.61 -30.25
C ILE A 123 7.31 18.11 -29.73
N MET A 124 6.38 17.17 -29.50
CA MET A 124 5.06 17.52 -29.00
C MET A 124 5.10 18.24 -27.65
N THR A 125 6.11 17.95 -26.84
CA THR A 125 6.24 18.58 -25.54
C THR A 125 6.50 20.06 -25.74
N HIS A 126 7.20 20.36 -26.83
CA HIS A 126 7.53 21.74 -27.19
C HIS A 126 6.28 22.45 -27.71
N VAL A 127 5.45 21.74 -28.46
CA VAL A 127 4.23 22.31 -29.03
C VAL A 127 3.23 22.72 -27.94
N ALA A 128 3.03 21.83 -26.98
CA ALA A 128 2.11 22.08 -25.88
C ALA A 128 2.62 23.26 -25.06
N TRP A 129 3.94 23.32 -24.87
CA TRP A 129 4.51 24.40 -24.09
C TRP A 129 4.18 25.78 -24.66
N VAL A 130 4.51 26.01 -25.92
CA VAL A 130 4.27 27.32 -26.53
C VAL A 130 2.79 27.67 -26.60
N ARG A 131 1.95 26.72 -26.97
CA ARG A 131 0.52 26.98 -27.05
C ARG A 131 -0.11 27.33 -25.70
N SER A 132 0.44 26.77 -24.61
CA SER A 132 -0.08 26.99 -23.28
C SER A 132 0.16 28.41 -22.73
N GLY A 133 1.38 28.90 -22.85
CA GLY A 133 1.71 30.22 -22.36
C GLY A 133 2.25 30.19 -20.94
N LEU A 134 2.63 29.00 -20.48
CA LEU A 134 3.13 28.83 -19.12
C LEU A 134 4.65 28.80 -19.06
N PRO A 135 5.22 29.05 -17.87
CA PRO A 135 6.68 29.03 -17.74
C PRO A 135 7.12 27.60 -18.04
N LYS A 136 8.33 27.42 -18.56
CA LYS A 136 8.79 26.07 -18.90
C LYS A 136 8.85 25.09 -17.75
N GLU A 137 9.03 25.57 -16.53
CA GLU A 137 9.08 24.69 -15.35
C GLU A 137 7.76 23.96 -15.11
N ARG A 138 6.69 24.39 -15.77
CA ARG A 138 5.38 23.77 -15.61
C ARG A 138 4.88 22.89 -16.75
N VAL A 139 5.79 22.47 -17.63
CA VAL A 139 5.42 21.57 -18.74
C VAL A 139 6.56 20.59 -18.96
N ILE A 140 6.25 19.30 -18.84
CA ILE A 140 7.23 18.24 -19.01
C ILE A 140 6.64 17.04 -19.75
N GLY A 141 7.52 16.24 -20.36
CA GLY A 141 7.08 15.09 -21.10
C GLY A 141 7.59 13.83 -20.45
N MET A 142 6.85 12.74 -20.62
CA MET A 142 7.25 11.46 -20.04
C MET A 142 7.94 10.58 -21.07
N ALA A 143 9.22 10.29 -20.84
CA ALA A 143 9.98 9.43 -21.78
C ALA A 143 11.18 8.73 -21.15
N GLY A 144 12.02 9.48 -20.45
CA GLY A 144 13.19 8.87 -19.84
C GLY A 144 12.84 7.70 -18.93
N VAL A 145 11.88 7.94 -18.04
CA VAL A 145 11.44 6.95 -17.07
C VAL A 145 11.10 5.58 -17.66
N LEU A 146 10.34 5.55 -18.75
CA LEU A 146 9.97 4.29 -19.37
C LEU A 146 11.16 3.54 -19.97
N ASP A 147 12.11 4.25 -20.57
CA ASP A 147 13.27 3.59 -21.17
C ASP A 147 14.16 3.10 -20.03
N ALA A 148 14.22 3.87 -18.95
CA ALA A 148 15.02 3.46 -17.79
C ALA A 148 14.38 2.18 -17.20
N ALA A 149 13.05 2.07 -17.33
CA ALA A 149 12.32 0.91 -16.84
C ALA A 149 12.75 -0.35 -17.60
N ARG A 150 12.43 -0.41 -18.90
CA ARG A 150 12.79 -1.54 -19.76
C ARG A 150 14.28 -1.90 -19.64
N PHE A 151 15.15 -0.89 -19.66
CA PHE A 151 16.59 -1.13 -19.57
C PHE A 151 16.97 -1.76 -18.24
N ARG A 152 16.28 -1.34 -17.17
CA ARG A 152 16.54 -1.88 -15.84
C ARG A 152 16.06 -3.33 -15.72
N SER A 153 15.01 -3.68 -16.44
CA SER A 153 14.49 -5.04 -16.38
C SER A 153 15.30 -6.02 -17.22
N PHE A 154 16.13 -5.50 -18.13
CA PHE A 154 16.97 -6.36 -18.96
C PHE A 154 18.19 -6.73 -18.13
N ILE A 155 18.71 -5.75 -17.39
CA ILE A 155 19.87 -5.98 -16.54
C ILE A 155 19.47 -6.96 -15.42
N ALA A 156 18.18 -6.96 -15.08
CA ALA A 156 17.67 -7.86 -14.04
C ALA A 156 17.65 -9.31 -14.56
N MET A 157 17.14 -9.50 -15.77
CA MET A 157 17.08 -10.83 -16.39
C MET A 157 18.47 -11.44 -16.50
N GLU A 158 19.48 -10.60 -16.71
CA GLU A 158 20.85 -11.06 -16.87
C GLU A 158 21.56 -11.42 -15.54
N LEU A 159 21.45 -10.55 -14.53
CA LEU A 159 22.11 -10.77 -13.25
C LEU A 159 21.30 -11.51 -12.19
N GLY A 160 20.00 -11.62 -12.41
CA GLY A 160 19.14 -12.31 -11.46
C GLY A 160 18.96 -11.60 -10.11
N VAL A 161 18.85 -10.28 -10.11
CA VAL A 161 18.65 -9.54 -8.86
C VAL A 161 17.38 -8.69 -8.91
N SER A 162 17.09 -8.02 -7.81
CA SER A 162 15.89 -7.17 -7.67
C SER A 162 15.90 -5.90 -8.52
N MET A 163 14.79 -5.63 -9.20
CA MET A 163 14.70 -4.43 -10.03
C MET A 163 14.69 -3.15 -9.20
N GLN A 164 14.62 -3.29 -7.88
CA GLN A 164 14.61 -2.11 -7.03
C GLN A 164 16.04 -1.69 -6.70
N ASP A 165 16.99 -2.57 -6.96
CA ASP A 165 18.38 -2.23 -6.69
C ASP A 165 19.19 -1.81 -7.93
N ILE A 166 18.49 -1.52 -9.03
CA ILE A 166 19.16 -1.10 -10.26
C ILE A 166 18.79 0.30 -10.76
N ASN A 167 19.81 1.14 -10.93
CA ASN A 167 19.64 2.51 -11.43
C ASN A 167 20.18 2.60 -12.87
N ALA A 168 19.33 3.04 -13.79
CA ALA A 168 19.71 3.18 -15.20
C ALA A 168 19.62 4.64 -15.66
N CYS A 169 20.75 5.20 -16.10
CA CYS A 169 20.83 6.59 -16.58
C CYS A 169 20.54 6.70 -18.10
N VAL A 170 19.43 7.32 -18.49
CA VAL A 170 19.05 7.45 -19.91
C VAL A 170 18.59 8.85 -20.35
N LEU A 171 19.45 9.54 -21.12
CA LEU A 171 19.18 10.88 -21.62
C LEU A 171 18.70 10.87 -23.07
N GLY A 172 18.46 12.04 -23.66
CA GLY A 172 18.00 12.11 -25.03
C GLY A 172 16.54 11.72 -25.25
N GLY A 173 16.23 11.23 -26.44
CA GLY A 173 14.87 10.82 -26.75
C GLY A 173 14.76 9.35 -27.12
N HIS A 174 13.95 9.03 -28.12
CA HIS A 174 13.79 7.64 -28.55
C HIS A 174 14.59 7.37 -29.83
N GLY A 175 14.35 6.21 -30.45
CA GLY A 175 15.06 5.86 -31.66
C GLY A 175 16.57 6.01 -31.50
N ASP A 176 17.20 6.68 -32.46
CA ASP A 176 18.65 6.88 -32.42
C ASP A 176 18.96 8.09 -31.57
N ALA A 177 17.91 8.76 -31.12
CA ALA A 177 18.05 9.96 -30.29
C ALA A 177 18.34 9.65 -28.82
N MET A 178 18.05 8.42 -28.41
CA MET A 178 18.27 8.03 -27.02
C MET A 178 19.75 7.98 -26.66
N VAL A 179 20.08 8.49 -25.47
CA VAL A 179 21.45 8.53 -24.98
C VAL A 179 21.66 7.80 -23.65
N PRO A 180 21.67 6.46 -23.67
CA PRO A 180 21.87 5.69 -22.44
C PRO A 180 23.29 5.82 -21.88
N VAL A 181 23.42 6.46 -20.72
CA VAL A 181 24.73 6.66 -20.09
C VAL A 181 25.13 5.51 -19.14
N VAL A 182 25.81 4.51 -19.67
CA VAL A 182 26.20 3.32 -18.89
C VAL A 182 27.18 3.54 -17.74
N LYS A 183 28.00 4.56 -17.81
CA LYS A 183 28.96 4.81 -16.74
C LYS A 183 28.23 5.10 -15.43
N TYR A 184 26.94 5.42 -15.53
CA TYR A 184 26.12 5.74 -14.35
C TYR A 184 24.95 4.77 -14.14
N THR A 185 25.08 3.56 -14.68
CA THR A 185 24.06 2.53 -14.54
C THR A 185 24.63 1.54 -13.54
N THR A 186 23.97 1.40 -12.39
CA THR A 186 24.46 0.53 -11.32
C THR A 186 23.54 -0.52 -10.68
N VAL A 187 24.16 -1.30 -9.81
CA VAL A 187 23.49 -2.33 -9.03
C VAL A 187 24.13 -2.16 -7.67
N ALA A 188 23.37 -1.62 -6.72
CA ALA A 188 23.89 -1.40 -5.38
C ALA A 188 25.08 -0.43 -5.44
N GLY A 189 24.95 0.59 -6.29
CA GLY A 189 26.00 1.59 -6.45
C GLY A 189 27.27 1.09 -7.12
N ILE A 190 27.16 -0.02 -7.84
CA ILE A 190 28.29 -0.63 -8.54
C ILE A 190 28.06 -0.67 -10.05
N PRO A 191 28.89 0.07 -10.82
CA PRO A 191 28.82 0.15 -12.28
C PRO A 191 28.73 -1.22 -12.93
N ILE A 192 27.74 -1.40 -13.80
CA ILE A 192 27.56 -2.68 -14.44
C ILE A 192 28.74 -3.09 -15.30
N SER A 193 29.61 -2.15 -15.59
CA SER A 193 30.78 -2.46 -16.41
C SER A 193 31.73 -3.30 -15.55
N ASP A 194 31.51 -3.30 -14.24
CA ASP A 194 32.34 -4.08 -13.32
C ASP A 194 31.83 -5.51 -13.25
N LEU A 195 30.58 -5.71 -13.67
CA LEU A 195 29.96 -7.03 -13.62
C LEU A 195 29.76 -7.69 -14.98
N LEU A 196 29.00 -7.04 -15.85
CA LEU A 196 28.72 -7.58 -17.17
C LEU A 196 29.81 -7.37 -18.22
N PRO A 197 29.82 -8.23 -19.25
CA PRO A 197 30.79 -8.18 -20.34
C PRO A 197 30.34 -7.09 -21.32
N ALA A 198 31.29 -6.26 -21.75
CA ALA A 198 31.01 -5.18 -22.69
C ALA A 198 30.18 -5.62 -23.89
N GLU A 199 30.33 -6.88 -24.29
CA GLU A 199 29.60 -7.46 -25.42
C GLU A 199 28.12 -7.58 -25.14
N THR A 200 27.79 -7.85 -23.88
CA THR A 200 26.40 -8.02 -23.48
C THR A 200 25.74 -6.66 -23.22
N ILE A 201 26.49 -5.74 -22.63
CA ILE A 201 25.95 -4.43 -22.35
C ILE A 201 25.40 -3.77 -23.64
N ASP A 202 26.17 -3.82 -24.72
CA ASP A 202 25.75 -3.22 -25.98
C ASP A 202 24.45 -3.81 -26.49
N LYS A 203 24.27 -5.11 -26.28
CA LYS A 203 23.06 -5.79 -26.72
C LYS A 203 21.86 -5.36 -25.88
N LEU A 204 22.11 -5.09 -24.60
CA LEU A 204 21.04 -4.65 -23.69
C LEU A 204 20.62 -3.24 -24.10
N VAL A 205 21.61 -2.42 -24.45
CA VAL A 205 21.34 -1.07 -24.87
C VAL A 205 20.51 -1.04 -26.15
N GLU A 206 20.80 -1.95 -27.07
CA GLU A 206 20.07 -1.98 -28.33
C GLU A 206 18.64 -2.44 -28.22
N ARG A 207 18.35 -3.28 -27.22
CA ARG A 207 16.98 -3.76 -27.04
C ARG A 207 16.11 -2.61 -26.51
N THR A 208 16.70 -1.78 -25.68
CA THR A 208 16.02 -0.62 -25.11
C THR A 208 15.62 0.33 -26.24
N ARG A 209 16.53 0.51 -27.19
CA ARG A 209 16.31 1.40 -28.33
C ARG A 209 15.05 1.00 -29.13
N ASN A 210 14.76 -0.30 -29.23
CA ASN A 210 13.56 -0.75 -29.98
C ASN A 210 12.49 -1.37 -29.08
N GLY A 211 12.58 -1.10 -27.78
CA GLY A 211 11.64 -1.62 -26.81
C GLY A 211 10.16 -1.48 -27.14
N GLY A 212 9.75 -0.31 -27.64
CA GLY A 212 8.35 -0.12 -27.96
C GLY A 212 7.89 -0.95 -29.14
N ALA A 213 8.81 -1.13 -30.09
CA ALA A 213 8.57 -1.87 -31.31
C ALA A 213 8.38 -3.35 -31.00
N GLU A 214 9.10 -3.82 -30.00
CA GLU A 214 9.02 -5.20 -29.57
C GLU A 214 7.56 -5.51 -29.17
N ILE A 215 7.00 -4.71 -28.27
CA ILE A 215 5.63 -4.90 -27.84
C ILE A 215 4.66 -4.89 -29.03
N VAL A 216 4.74 -3.87 -29.88
CA VAL A 216 3.85 -3.75 -31.05
C VAL A 216 3.92 -4.93 -32.01
N GLU A 217 5.07 -5.60 -32.01
CA GLU A 217 5.30 -6.75 -32.88
C GLU A 217 4.40 -7.91 -32.48
N HIS A 218 4.18 -8.05 -31.18
CA HIS A 218 3.35 -9.13 -30.66
C HIS A 218 1.87 -8.76 -30.64
N LEU A 219 1.56 -7.50 -30.36
CA LEU A 219 0.18 -7.03 -30.30
C LEU A 219 -0.48 -6.87 -31.66
N LYS A 220 0.33 -6.81 -32.71
CA LYS A 220 -0.17 -6.66 -34.08
C LYS A 220 -0.89 -5.31 -34.27
N GLN A 221 -1.74 -4.93 -33.32
CA GLN A 221 -2.46 -3.67 -33.38
C GLN A 221 -2.38 -2.87 -32.07
N GLY A 222 -2.17 -1.56 -32.17
CA GLY A 222 -2.07 -0.73 -30.98
C GLY A 222 -0.69 -0.84 -30.36
N SER A 223 -0.43 -0.13 -29.26
CA SER A 223 0.89 -0.21 -28.64
C SER A 223 0.88 -0.38 -27.12
N ALA A 224 2.06 -0.60 -26.55
CA ALA A 224 2.23 -0.80 -25.12
C ALA A 224 1.50 0.23 -24.25
N PHE A 225 1.14 -0.13 -23.01
CA PHE A 225 0.47 0.81 -22.12
C PHE A 225 0.66 0.61 -20.61
N TYR A 226 0.91 -0.63 -20.17
CA TYR A 226 1.10 -0.86 -18.75
C TYR A 226 2.32 -0.12 -18.19
N ALA A 227 3.50 -0.35 -18.76
CA ALA A 227 4.71 0.32 -18.29
C ALA A 227 4.67 1.85 -18.49
N PRO A 228 4.11 2.31 -19.62
CA PRO A 228 4.02 3.76 -19.89
C PRO A 228 3.11 4.44 -18.86
N ALA A 229 1.90 3.89 -18.71
CA ALA A 229 0.93 4.41 -17.76
C ALA A 229 1.54 4.51 -16.35
N SER A 230 2.30 3.51 -15.96
CA SER A 230 2.92 3.51 -14.62
C SER A 230 4.09 4.48 -14.53
N SER A 231 4.75 4.73 -15.65
CA SER A 231 5.89 5.64 -15.63
C SER A 231 5.38 7.06 -15.51
N VAL A 232 4.19 7.29 -16.05
CA VAL A 232 3.58 8.61 -15.98
C VAL A 232 3.18 8.91 -14.53
N VAL A 233 2.67 7.90 -13.83
CA VAL A 233 2.21 8.05 -12.45
C VAL A 233 3.36 8.27 -11.46
N GLU A 234 4.52 7.70 -11.74
CA GLU A 234 5.63 7.91 -10.84
C GLU A 234 5.93 9.42 -10.79
N MET A 235 5.74 10.08 -11.94
CA MET A 235 5.98 11.51 -12.03
C MET A 235 4.88 12.27 -11.30
N VAL A 236 3.64 11.87 -11.52
CA VAL A 236 2.48 12.49 -10.86
C VAL A 236 2.70 12.50 -9.34
N GLU A 237 3.07 11.34 -8.80
CA GLU A 237 3.30 11.19 -7.38
C GLU A 237 4.32 12.17 -6.79
N SER A 238 5.48 12.29 -7.43
CA SER A 238 6.51 13.20 -6.92
C SER A 238 5.95 14.62 -6.78
N ILE A 239 5.05 14.99 -7.69
CA ILE A 239 4.43 16.31 -7.65
C ILE A 239 3.43 16.38 -6.49
N VAL A 240 2.37 15.59 -6.60
CA VAL A 240 1.32 15.53 -5.59
C VAL A 240 1.83 15.43 -4.14
N LEU A 241 2.90 14.68 -3.90
CA LEU A 241 3.43 14.56 -2.54
C LEU A 241 4.77 15.28 -2.34
N ASP A 242 5.14 16.14 -3.29
CA ASP A 242 6.38 16.92 -3.24
C ASP A 242 7.58 16.12 -2.74
N ARG A 243 7.89 15.02 -3.42
CA ARG A 243 9.00 14.16 -3.01
C ARG A 243 10.41 14.64 -3.36
N LYS A 244 10.54 15.37 -4.47
CA LYS A 244 11.84 15.85 -4.95
C LYS A 244 12.63 14.68 -5.53
N ARG A 245 11.96 13.85 -6.32
CA ARG A 245 12.64 12.73 -6.93
C ARG A 245 13.59 13.30 -8.04
N VAL A 246 14.73 12.64 -8.26
CA VAL A 246 15.66 13.03 -9.30
C VAL A 246 15.36 12.08 -10.44
N LEU A 247 14.54 12.53 -11.38
CA LEU A 247 14.11 11.70 -12.51
C LEU A 247 14.41 12.29 -13.88
N PRO A 248 14.66 11.41 -14.87
CA PRO A 248 14.95 11.81 -16.25
C PRO A 248 13.67 12.17 -17.02
N CYS A 249 13.55 13.43 -17.46
CA CYS A 249 12.37 13.89 -18.18
C CYS A 249 12.71 14.93 -19.26
N ALA A 250 11.74 15.14 -20.16
CA ALA A 250 11.84 16.08 -21.26
C ALA A 250 11.50 17.51 -20.82
N VAL A 251 12.50 18.39 -20.83
CA VAL A 251 12.33 19.79 -20.41
C VAL A 251 13.11 20.76 -21.29
N GLY A 252 12.66 22.01 -21.36
CA GLY A 252 13.38 22.99 -22.14
C GLY A 252 14.65 23.40 -21.42
N LEU A 253 15.77 23.48 -22.12
CA LEU A 253 17.03 23.86 -21.48
C LEU A 253 17.36 25.33 -21.71
N GLU A 254 18.33 25.85 -20.98
CA GLU A 254 18.70 27.24 -21.13
C GLU A 254 20.21 27.46 -21.02
N GLY A 255 20.98 26.51 -21.55
CA GLY A 255 22.43 26.64 -21.52
C GLY A 255 23.22 25.42 -21.09
N GLN A 256 22.63 24.57 -20.26
CA GLN A 256 23.34 23.38 -19.79
C GLN A 256 23.53 22.37 -20.91
N TYR A 257 24.66 21.65 -20.88
CA TYR A 257 24.96 20.65 -21.90
C TYR A 257 25.19 21.34 -23.25
N GLY A 258 25.55 22.62 -23.20
CA GLY A 258 25.77 23.37 -24.43
C GLY A 258 24.49 23.71 -25.15
N ILE A 259 23.43 22.94 -24.90
CA ILE A 259 22.14 23.18 -25.57
C ILE A 259 21.38 24.35 -24.95
N ASP A 260 20.57 25.02 -25.77
CA ASP A 260 19.77 26.14 -25.30
C ASP A 260 18.42 26.20 -26.02
N LYS A 261 17.36 26.45 -25.25
CA LYS A 261 16.01 26.58 -25.80
C LYS A 261 15.29 25.35 -26.36
N THR A 262 15.96 24.21 -26.41
CA THR A 262 15.29 23.04 -26.97
C THR A 262 14.89 22.04 -25.88
N PHE A 263 13.89 21.23 -26.18
CA PHE A 263 13.42 20.22 -25.22
C PHE A 263 14.20 18.91 -25.31
N VAL A 264 14.97 18.66 -24.24
CA VAL A 264 15.83 17.50 -24.11
C VAL A 264 15.60 16.70 -22.80
N GLY A 265 15.65 15.37 -22.89
CA GLY A 265 15.48 14.54 -21.70
C GLY A 265 16.73 14.51 -20.84
N VAL A 266 16.64 15.09 -19.65
CA VAL A 266 17.77 15.13 -18.71
C VAL A 266 17.33 15.02 -17.23
N PRO A 267 18.28 14.76 -16.31
CA PRO A 267 18.05 14.63 -14.86
C PRO A 267 17.45 15.87 -14.20
N VAL A 268 16.25 15.73 -13.65
CA VAL A 268 15.59 16.86 -12.99
C VAL A 268 15.02 16.50 -11.62
N LYS A 269 14.92 17.50 -10.74
CA LYS A 269 14.34 17.31 -9.39
C LYS A 269 12.86 17.71 -9.43
N LEU A 270 11.98 16.72 -9.30
CA LEU A 270 10.54 16.94 -9.39
C LEU A 270 9.77 17.21 -8.07
N GLY A 271 9.02 18.30 -8.04
CA GLY A 271 8.27 18.68 -6.85
C GLY A 271 6.87 19.24 -7.13
N ARG A 272 6.30 19.93 -6.15
CA ARG A 272 4.98 20.53 -6.29
C ARG A 272 4.94 21.71 -7.26
N ASN A 273 6.09 22.30 -7.53
CA ASN A 273 6.18 23.41 -8.46
C ASN A 273 6.70 23.01 -9.84
N GLY A 274 6.85 21.70 -10.05
CA GLY A 274 7.33 21.20 -11.34
C GLY A 274 8.83 20.95 -11.37
N VAL A 275 9.48 21.44 -12.43
CA VAL A 275 10.92 21.30 -12.60
C VAL A 275 11.57 22.27 -11.64
N GLU A 276 12.10 21.75 -10.53
CA GLU A 276 12.73 22.58 -9.52
C GLU A 276 14.26 22.64 -9.60
N GLN A 277 14.85 21.73 -10.35
CA GLN A 277 16.29 21.75 -10.54
C GLN A 277 16.70 20.83 -11.66
N ILE A 278 17.72 21.24 -12.40
CA ILE A 278 18.24 20.47 -13.50
C ILE A 278 19.71 20.14 -13.27
N TYR A 279 20.07 18.88 -13.44
CA TYR A 279 21.46 18.48 -13.22
C TYR A 279 22.27 18.29 -14.49
N GLU A 280 23.50 18.80 -14.47
CA GLU A 280 24.41 18.67 -15.59
C GLU A 280 25.53 17.74 -15.14
N ILE A 281 25.42 16.48 -15.56
CA ILE A 281 26.41 15.49 -15.18
C ILE A 281 27.57 15.47 -16.17
N ASN A 282 28.73 14.99 -15.72
CA ASN A 282 29.92 14.94 -16.55
C ASN A 282 29.94 13.80 -17.58
N LEU A 283 29.21 13.97 -18.68
CA LEU A 283 29.20 12.95 -19.73
C LEU A 283 30.54 12.97 -20.44
N ASP A 284 30.99 11.82 -20.94
CA ASP A 284 32.24 11.79 -21.67
C ASP A 284 31.92 12.21 -23.10
N GLN A 285 32.88 12.88 -23.74
CA GLN A 285 32.71 13.37 -25.10
C GLN A 285 31.67 12.69 -26.00
N ALA A 286 31.89 11.42 -26.30
CA ALA A 286 31.00 10.67 -27.18
C ALA A 286 29.50 10.88 -26.91
N ASP A 287 29.12 10.86 -25.63
CA ASP A 287 27.73 11.02 -25.25
C ASP A 287 27.24 12.46 -25.39
N LEU A 288 28.09 13.40 -25.00
CA LEU A 288 27.75 14.82 -25.08
C LEU A 288 27.42 15.21 -26.52
N ASP A 289 28.30 14.88 -27.46
CA ASP A 289 28.09 15.21 -28.87
C ASP A 289 26.82 14.58 -29.42
N LEU A 290 26.56 13.36 -29.00
CA LEU A 290 25.38 12.64 -29.48
C LEU A 290 24.10 13.35 -29.04
N LEU A 291 24.16 13.98 -27.87
CA LEU A 291 23.03 14.70 -27.31
C LEU A 291 22.83 16.05 -28.04
N GLN A 292 23.93 16.73 -28.34
CA GLN A 292 23.85 18.01 -29.04
C GLN A 292 23.39 17.77 -30.47
N LYS A 293 23.70 16.58 -30.98
CA LYS A 293 23.32 16.18 -32.33
C LYS A 293 21.80 16.02 -32.45
N SER A 294 21.23 15.09 -31.69
CA SER A 294 19.79 14.85 -31.74
C SER A 294 18.97 16.06 -31.28
N ALA A 295 19.65 17.01 -30.65
CA ALA A 295 19.02 18.25 -30.19
C ALA A 295 18.71 19.17 -31.36
N LYS A 296 19.72 19.43 -32.20
CA LYS A 296 19.57 20.30 -33.36
C LYS A 296 18.55 19.78 -34.36
N ILE A 297 18.45 18.47 -34.46
CA ILE A 297 17.50 17.87 -35.39
C ILE A 297 16.08 18.14 -34.93
N VAL A 298 15.89 18.21 -33.61
CA VAL A 298 14.57 18.49 -33.06
C VAL A 298 14.15 19.90 -33.47
N ASP A 299 15.11 20.83 -33.40
CA ASP A 299 14.85 22.22 -33.77
C ASP A 299 14.28 22.31 -35.18
N GLU A 300 14.72 21.41 -36.05
CA GLU A 300 14.26 21.38 -37.43
C GLU A 300 12.75 21.21 -37.58
N ASN A 301 12.23 20.12 -37.05
CA ASN A 301 10.79 19.85 -37.14
C ASN A 301 9.95 20.97 -36.54
N CYS A 302 10.50 21.65 -35.55
CA CYS A 302 9.78 22.76 -34.93
C CYS A 302 9.81 23.92 -35.91
N LYS A 303 10.67 23.80 -36.92
CA LYS A 303 10.80 24.81 -37.95
C LYS A 303 10.28 24.29 -39.29
N MET A 304 9.33 23.37 -39.22
CA MET A 304 8.69 22.77 -40.38
C MET A 304 7.22 22.61 -40.01
N LEU A 305 6.78 23.50 -39.13
CA LEU A 305 5.41 23.51 -38.65
C LEU A 305 4.99 24.95 -38.38
N MET B 1 3.35 -19.13 5.98
CA MET B 1 4.57 -18.40 6.46
C MET B 1 4.44 -18.07 7.95
N LYS B 2 5.31 -18.67 8.76
CA LYS B 2 5.31 -18.45 10.22
C LYS B 2 6.62 -17.86 10.70
N ILE B 3 6.54 -16.73 11.40
CA ILE B 3 7.73 -16.07 11.94
C ILE B 3 7.71 -15.93 13.47
N THR B 4 8.87 -15.87 14.09
CA THR B 4 9.03 -15.75 15.53
C THR B 4 10.02 -14.67 15.91
N VAL B 5 9.61 -13.74 16.78
CA VAL B 5 10.48 -12.68 17.26
C VAL B 5 10.80 -12.92 18.74
N ILE B 6 12.08 -12.76 19.11
CA ILE B 6 12.54 -13.00 20.47
C ILE B 6 13.00 -11.70 21.10
N GLY B 7 12.31 -11.28 22.17
CA GLY B 7 12.65 -10.05 22.86
C GLY B 7 11.51 -9.07 22.66
N ALA B 8 10.93 -8.57 23.75
CA ALA B 8 9.80 -7.65 23.65
C ALA B 8 10.13 -6.21 23.98
N GLY B 9 11.39 -5.82 23.76
CA GLY B 9 11.78 -4.45 24.00
C GLY B 9 11.23 -3.62 22.86
N ASN B 10 11.72 -2.39 22.70
CA ASN B 10 11.23 -1.53 21.64
C ASN B 10 11.52 -2.09 20.22
N VAL B 11 12.70 -2.67 20.04
CA VAL B 11 13.09 -3.21 18.72
C VAL B 11 12.25 -4.36 18.18
N GLY B 12 12.25 -5.48 18.88
CA GLY B 12 11.47 -6.63 18.44
C GLY B 12 9.98 -6.40 18.39
N ALA B 13 9.49 -5.50 19.25
CA ALA B 13 8.06 -5.20 19.28
C ALA B 13 7.70 -4.47 17.99
N THR B 14 8.41 -3.39 17.73
CA THR B 14 8.20 -2.60 16.51
C THR B 14 8.38 -3.54 15.31
N THR B 15 9.38 -4.41 15.38
CA THR B 15 9.62 -5.36 14.28
C THR B 15 8.42 -6.27 13.99
N ALA B 16 7.92 -6.94 15.01
CA ALA B 16 6.78 -7.84 14.82
C ALA B 16 5.58 -7.15 14.21
N PHE B 17 5.33 -5.91 14.65
CA PHE B 17 4.19 -5.16 14.14
C PHE B 17 4.31 -4.83 12.65
N ARG B 18 5.46 -4.30 12.25
CA ARG B 18 5.66 -3.95 10.85
C ARG B 18 5.42 -5.15 9.95
N ILE B 19 5.81 -6.35 10.41
CA ILE B 19 5.63 -7.56 9.61
C ILE B 19 4.15 -7.88 9.47
N ALA B 20 3.42 -7.70 10.56
CA ALA B 20 1.98 -7.99 10.58
C ALA B 20 1.24 -7.03 9.68
N ASP B 21 1.60 -5.76 9.78
CA ASP B 21 0.96 -4.73 8.99
C ASP B 21 1.27 -4.87 7.50
N LYS B 22 2.41 -5.45 7.16
CA LYS B 22 2.77 -5.63 5.75
C LYS B 22 2.23 -6.95 5.18
N LYS B 23 1.50 -7.70 6.00
CA LYS B 23 0.93 -8.97 5.54
C LYS B 23 2.01 -9.94 5.09
N LEU B 24 3.19 -9.83 5.68
CA LEU B 24 4.30 -10.71 5.31
C LEU B 24 4.29 -12.02 6.09
N ALA B 25 3.19 -12.30 6.78
CA ALA B 25 3.09 -13.54 7.56
C ALA B 25 1.67 -13.99 7.86
N ARG B 26 1.56 -15.27 8.21
CA ARG B 26 0.27 -15.87 8.57
C ARG B 26 0.20 -15.99 10.08
N GLU B 27 1.29 -16.46 10.69
CA GLU B 27 1.36 -16.62 12.13
C GLU B 27 2.60 -15.98 12.71
N LEU B 28 2.42 -15.07 13.65
CA LEU B 28 3.52 -14.38 14.29
C LEU B 28 3.54 -14.76 15.76
N VAL B 29 4.73 -14.85 16.36
CA VAL B 29 4.88 -15.20 17.77
C VAL B 29 5.91 -14.31 18.47
N LEU B 30 5.48 -13.60 19.51
CA LEU B 30 6.38 -12.73 20.26
C LEU B 30 6.73 -13.41 21.58
N LEU B 31 7.97 -13.87 21.71
CA LEU B 31 8.41 -14.56 22.91
C LEU B 31 9.47 -13.79 23.65
N ASP B 32 9.39 -13.80 24.98
CA ASP B 32 10.37 -13.12 25.83
C ASP B 32 10.46 -13.91 27.13
N VAL B 33 11.39 -13.52 28.01
CA VAL B 33 11.58 -14.23 29.28
C VAL B 33 10.51 -13.90 30.32
N VAL B 34 10.35 -12.62 30.64
CA VAL B 34 9.38 -12.17 31.63
C VAL B 34 7.95 -12.39 31.19
N GLU B 35 7.06 -12.57 32.15
CA GLU B 35 5.65 -12.80 31.86
C GLU B 35 4.88 -11.49 31.73
N GLY B 36 3.81 -11.54 30.94
CA GLY B 36 2.97 -10.38 30.76
C GLY B 36 3.27 -9.55 29.52
N ILE B 37 4.46 -8.97 29.49
CA ILE B 37 4.89 -8.11 28.39
C ILE B 37 4.58 -8.61 26.98
N PRO B 38 5.13 -9.78 26.60
CA PRO B 38 4.85 -10.30 25.26
C PRO B 38 3.39 -10.60 24.94
N GLN B 39 2.57 -10.87 25.96
CA GLN B 39 1.17 -11.16 25.70
C GLN B 39 0.34 -9.88 25.57
N GLY B 40 0.80 -8.83 26.22
CA GLY B 40 0.12 -7.55 26.17
C GLY B 40 0.33 -6.87 24.82
N LYS B 41 1.59 -6.70 24.43
CA LYS B 41 1.92 -6.05 23.17
C LYS B 41 1.32 -6.83 22.01
N GLY B 42 1.40 -8.15 22.11
CA GLY B 42 0.86 -9.01 21.06
C GLY B 42 -0.64 -8.89 20.84
N LEU B 43 -1.40 -8.75 21.93
CA LEU B 43 -2.85 -8.62 21.82
C LEU B 43 -3.19 -7.23 21.28
N ASP B 44 -2.40 -6.25 21.67
CA ASP B 44 -2.56 -4.86 21.24
C ASP B 44 -2.52 -4.87 19.70
N MET B 45 -1.44 -5.44 19.14
CA MET B 45 -1.24 -5.53 17.69
C MET B 45 -2.37 -6.27 16.99
N TYR B 46 -2.83 -7.36 17.58
CA TYR B 46 -3.90 -8.13 17.00
C TYR B 46 -5.21 -7.35 16.94
N GLU B 47 -5.48 -6.58 17.99
CA GLU B 47 -6.73 -5.83 18.02
C GLU B 47 -6.70 -4.66 17.03
N THR B 48 -5.55 -4.49 16.38
CA THR B 48 -5.36 -3.45 15.37
C THR B 48 -5.83 -3.94 14.00
N GLY B 49 -5.87 -5.26 13.83
CA GLY B 49 -6.30 -5.86 12.59
C GLY B 49 -7.60 -5.37 11.96
N PRO B 50 -8.63 -5.03 12.75
CA PRO B 50 -9.85 -4.57 12.08
C PRO B 50 -9.67 -3.21 11.41
N VAL B 51 -8.66 -2.45 11.86
CA VAL B 51 -8.40 -1.14 11.31
C VAL B 51 -7.24 -1.13 10.30
N GLY B 52 -6.17 -1.86 10.60
CA GLY B 52 -5.04 -1.92 9.69
C GLY B 52 -5.39 -2.75 8.46
N LEU B 53 -6.52 -3.45 8.56
CA LEU B 53 -7.06 -4.32 7.52
C LEU B 53 -6.28 -5.61 7.23
N PHE B 54 -5.72 -6.21 8.26
CA PHE B 54 -5.01 -7.48 8.10
C PHE B 54 -5.67 -8.57 8.93
N ASP B 55 -5.22 -9.81 8.73
CA ASP B 55 -5.78 -10.95 9.47
C ASP B 55 -4.68 -11.89 9.98
N THR B 56 -3.51 -11.34 10.31
CA THR B 56 -2.40 -12.15 10.81
C THR B 56 -2.64 -12.67 12.24
N LYS B 57 -2.39 -13.96 12.48
CA LYS B 57 -2.58 -14.51 13.82
C LYS B 57 -1.38 -14.15 14.70
N ILE B 58 -1.56 -13.23 15.63
CA ILE B 58 -0.46 -12.84 16.52
C ILE B 58 -0.71 -13.40 17.90
N THR B 59 0.35 -13.68 18.65
CA THR B 59 0.25 -14.20 20.02
C THR B 59 1.53 -13.94 20.82
N GLY B 60 1.37 -13.58 22.09
CA GLY B 60 2.52 -13.34 22.97
C GLY B 60 2.79 -14.63 23.69
N SER B 61 4.00 -14.86 24.17
CA SER B 61 4.30 -16.12 24.83
C SER B 61 5.56 -16.13 25.70
N ASN B 62 5.70 -17.20 26.49
CA ASN B 62 6.84 -17.41 27.38
C ASN B 62 7.30 -18.86 27.29
N ASP B 63 6.61 -19.65 26.47
CA ASP B 63 6.90 -21.07 26.29
C ASP B 63 7.38 -21.40 24.88
N TYR B 64 8.64 -21.78 24.75
CA TYR B 64 9.23 -22.10 23.43
C TYR B 64 8.48 -23.12 22.59
N ALA B 65 7.45 -23.74 23.14
CA ALA B 65 6.72 -24.74 22.36
C ALA B 65 5.89 -24.10 21.24
N ASP B 66 5.55 -22.82 21.39
CA ASP B 66 4.76 -22.14 20.38
C ASP B 66 5.54 -21.76 19.12
N THR B 67 6.87 -21.86 19.18
CA THR B 67 7.72 -21.51 18.05
C THR B 67 8.07 -22.69 17.16
N ALA B 68 7.34 -23.78 17.29
CA ALA B 68 7.63 -24.97 16.50
C ALA B 68 7.37 -24.72 15.04
N ASP B 69 8.30 -25.18 14.19
CA ASP B 69 8.16 -25.04 12.75
C ASP B 69 8.15 -23.61 12.22
N SER B 70 9.06 -22.77 12.72
CA SER B 70 9.16 -21.39 12.26
C SER B 70 10.03 -21.35 11.01
N ASP B 71 9.70 -20.48 10.06
CA ASP B 71 10.49 -20.34 8.85
C ASP B 71 11.60 -19.32 9.13
N ILE B 72 11.22 -18.19 9.74
CA ILE B 72 12.17 -17.14 10.10
C ILE B 72 12.16 -16.92 11.63
N VAL B 73 13.34 -16.77 12.21
CA VAL B 73 13.47 -16.52 13.65
C VAL B 73 14.38 -15.31 13.83
N ILE B 74 13.88 -14.28 14.50
CA ILE B 74 14.65 -13.07 14.72
C ILE B 74 15.04 -12.90 16.18
N ILE B 75 16.33 -13.07 16.46
CA ILE B 75 16.86 -12.93 17.81
C ILE B 75 17.25 -11.49 18.06
N THR B 76 16.50 -10.79 18.91
CA THR B 76 16.81 -9.39 19.19
C THR B 76 17.05 -9.18 20.69
N ALA B 77 17.44 -10.23 21.38
CA ALA B 77 17.71 -10.11 22.80
C ALA B 77 19.12 -9.60 23.00
N GLY B 78 19.26 -8.61 23.87
CA GLY B 78 20.56 -8.03 24.15
C GLY B 78 20.37 -6.79 25.00
N LEU B 79 21.21 -6.64 26.02
CA LEU B 79 21.11 -5.49 26.90
C LEU B 79 22.14 -4.42 26.55
N ASP B 89 32.16 -6.65 31.28
CA ASP B 89 32.07 -7.95 30.61
C ASP B 89 30.85 -8.06 29.69
N LEU B 90 30.47 -6.92 29.11
CA LEU B 90 29.33 -6.86 28.19
C LEU B 90 29.39 -7.95 27.14
N LEU B 91 30.60 -8.24 26.69
CA LEU B 91 30.85 -9.26 25.68
C LEU B 91 30.38 -10.64 26.09
N MET B 92 30.80 -11.07 27.27
CA MET B 92 30.42 -12.38 27.78
C MET B 92 28.98 -12.36 28.30
N LYS B 93 28.47 -11.16 28.54
CA LYS B 93 27.11 -11.02 29.01
C LYS B 93 26.14 -11.47 27.93
N ASN B 94 26.12 -10.72 26.83
CA ASN B 94 25.23 -11.03 25.71
C ASN B 94 25.57 -12.31 24.97
N ALA B 95 26.83 -12.72 24.98
CA ALA B 95 27.24 -13.95 24.31
C ALA B 95 26.47 -15.15 24.89
N GLY B 96 26.35 -15.17 26.21
CA GLY B 96 25.64 -16.26 26.86
C GLY B 96 24.15 -16.21 26.59
N ILE B 97 23.60 -15.01 26.44
CA ILE B 97 22.16 -14.87 26.18
C ILE B 97 21.79 -15.44 24.82
N VAL B 98 22.66 -15.20 23.84
CA VAL B 98 22.43 -15.67 22.47
C VAL B 98 22.53 -17.19 22.41
N LYS B 99 23.49 -17.75 23.12
CA LYS B 99 23.67 -19.19 23.13
C LYS B 99 22.39 -19.85 23.64
N GLU B 100 21.91 -19.37 24.78
CA GLU B 100 20.70 -19.92 25.39
C GLU B 100 19.50 -19.85 24.44
N VAL B 101 19.23 -18.65 23.94
CA VAL B 101 18.11 -18.45 23.02
C VAL B 101 18.19 -19.42 21.86
N THR B 102 19.37 -19.53 21.27
CA THR B 102 19.56 -20.41 20.12
C THR B 102 19.21 -21.87 20.40
N ASP B 103 19.87 -22.46 21.39
CA ASP B 103 19.63 -23.86 21.72
C ASP B 103 18.15 -24.18 21.76
N ASN B 104 17.39 -23.41 22.53
CA ASN B 104 15.96 -23.63 22.64
C ASN B 104 15.24 -23.64 21.30
N ILE B 105 15.45 -22.58 20.51
CA ILE B 105 14.82 -22.47 19.20
C ILE B 105 15.03 -23.73 18.39
N MET B 106 16.29 -24.12 18.25
CA MET B 106 16.61 -25.30 17.48
C MET B 106 15.92 -26.54 18.07
N LYS B 107 15.50 -26.45 19.32
CA LYS B 107 14.80 -27.57 19.94
C LYS B 107 13.39 -27.69 19.36
N HIS B 108 12.92 -26.66 18.67
CA HIS B 108 11.55 -26.69 18.16
C HIS B 108 11.34 -26.43 16.67
N SER B 109 12.39 -26.00 15.99
CA SER B 109 12.29 -25.76 14.56
C SER B 109 13.40 -26.51 13.83
N LYS B 110 13.01 -27.25 12.81
CA LYS B 110 13.94 -28.04 11.99
C LYS B 110 14.97 -27.18 11.26
N ASN B 111 14.48 -26.43 10.28
CA ASN B 111 15.34 -25.59 9.45
C ASN B 111 14.79 -24.18 9.24
N PRO B 112 15.20 -23.22 10.08
CA PRO B 112 14.71 -21.86 9.91
C PRO B 112 15.84 -20.91 9.50
N ILE B 113 15.48 -19.72 9.03
CA ILE B 113 16.48 -18.71 8.67
C ILE B 113 16.62 -17.93 9.98
N ILE B 114 17.83 -17.51 10.33
CA ILE B 114 18.03 -16.79 11.57
C ILE B 114 18.68 -15.42 11.37
N ILE B 115 18.12 -14.41 12.02
CA ILE B 115 18.62 -13.04 11.95
C ILE B 115 19.05 -12.53 13.33
N VAL B 116 20.34 -12.30 13.52
CA VAL B 116 20.86 -11.83 14.81
C VAL B 116 20.87 -10.29 14.90
N VAL B 117 20.49 -9.78 16.07
CA VAL B 117 20.44 -8.34 16.32
C VAL B 117 20.93 -8.04 17.74
N SER B 118 22.23 -8.22 17.98
CA SER B 118 22.78 -7.98 19.31
C SER B 118 24.02 -7.11 19.21
N ASN B 119 24.86 -7.15 20.24
CA ASN B 119 26.08 -6.35 20.26
C ASN B 119 27.16 -6.99 21.11
N PRO B 120 28.37 -7.17 20.54
CA PRO B 120 28.73 -6.78 19.16
C PRO B 120 28.02 -7.70 18.16
N LEU B 121 27.52 -7.13 17.07
CA LEU B 121 26.79 -7.92 16.07
C LEU B 121 27.58 -9.02 15.39
N ASP B 122 28.73 -8.68 14.82
CA ASP B 122 29.52 -9.69 14.12
C ASP B 122 29.84 -10.88 15.03
N ILE B 123 30.31 -10.62 16.24
CA ILE B 123 30.63 -11.71 17.15
C ILE B 123 29.39 -12.49 17.58
N MET B 124 28.29 -11.78 17.81
CA MET B 124 27.05 -12.42 18.23
C MET B 124 26.47 -13.33 17.17
N THR B 125 26.58 -12.92 15.91
CA THR B 125 26.08 -13.73 14.80
C THR B 125 26.92 -15.00 14.70
N HIS B 126 28.19 -14.87 15.04
CA HIS B 126 29.12 -16.00 15.01
C HIS B 126 28.71 -17.00 16.09
N VAL B 127 28.57 -16.52 17.31
CA VAL B 127 28.16 -17.36 18.43
C VAL B 127 26.83 -18.06 18.14
N ALA B 128 25.92 -17.36 17.47
CA ALA B 128 24.63 -17.93 17.13
C ALA B 128 24.77 -19.01 16.07
N TRP B 129 25.71 -18.81 15.15
CA TRP B 129 25.94 -19.78 14.06
C TRP B 129 26.46 -21.12 14.57
N VAL B 130 27.54 -21.08 15.34
CA VAL B 130 28.13 -22.31 15.85
C VAL B 130 27.11 -23.13 16.63
N ARG B 131 26.45 -22.52 17.61
CA ARG B 131 25.44 -23.20 18.42
C ARG B 131 24.26 -23.60 17.54
N SER B 132 24.10 -22.88 16.43
CA SER B 132 23.03 -23.16 15.49
C SER B 132 23.23 -24.54 14.88
N GLY B 133 24.47 -24.81 14.46
CA GLY B 133 24.78 -26.07 13.83
C GLY B 133 24.17 -26.09 12.43
N LEU B 134 23.87 -24.91 11.91
CA LEU B 134 23.27 -24.76 10.58
C LEU B 134 24.29 -24.28 9.55
N PRO B 135 23.92 -24.34 8.25
CA PRO B 135 24.81 -23.90 7.18
C PRO B 135 24.97 -22.39 7.33
N LYS B 136 26.20 -21.89 7.34
CA LYS B 136 26.44 -20.46 7.50
C LYS B 136 25.49 -19.62 6.63
N GLU B 137 25.00 -20.21 5.54
CA GLU B 137 24.10 -19.54 4.61
C GLU B 137 22.72 -19.19 5.17
N ARG B 138 22.38 -19.72 6.34
CA ARG B 138 21.06 -19.45 6.93
C ARG B 138 21.09 -18.64 8.24
N VAL B 139 22.27 -18.12 8.59
CA VAL B 139 22.44 -17.32 9.80
C VAL B 139 23.05 -15.98 9.40
N ILE B 140 22.35 -14.88 9.68
CA ILE B 140 22.83 -13.55 9.29
C ILE B 140 22.54 -12.45 10.33
N GLY B 141 23.35 -11.38 10.29
CA GLY B 141 23.19 -10.27 11.20
C GLY B 141 22.90 -8.95 10.48
N MET B 142 22.03 -8.12 11.07
CA MET B 142 21.66 -6.83 10.49
C MET B 142 22.52 -5.70 11.09
N ALA B 143 23.01 -4.80 10.24
CA ALA B 143 23.83 -3.67 10.68
C ALA B 143 24.12 -2.72 9.51
N GLY B 144 24.60 -3.29 8.40
CA GLY B 144 24.91 -2.49 7.23
C GLY B 144 23.74 -1.65 6.75
N VAL B 145 22.58 -2.30 6.57
CA VAL B 145 21.38 -1.60 6.11
C VAL B 145 21.02 -0.41 7.00
N LEU B 146 21.30 -0.51 8.29
CA LEU B 146 20.98 0.60 9.19
C LEU B 146 21.93 1.79 9.01
N ASP B 147 23.24 1.53 9.01
CA ASP B 147 24.22 2.61 8.84
C ASP B 147 24.00 3.30 7.49
N ALA B 148 23.56 2.54 6.48
CA ALA B 148 23.30 3.09 5.16
C ALA B 148 22.06 3.97 5.16
N ALA B 149 21.00 3.55 5.86
CA ALA B 149 19.79 4.35 5.93
C ALA B 149 20.07 5.71 6.59
N ARG B 150 20.99 5.74 7.56
CA ARG B 150 21.35 6.98 8.23
C ARG B 150 22.22 7.86 7.34
N PHE B 151 23.10 7.22 6.57
CA PHE B 151 23.99 7.95 5.67
C PHE B 151 23.10 8.55 4.58
N ARG B 152 22.21 7.72 4.04
CA ARG B 152 21.28 8.13 3.00
C ARG B 152 20.43 9.34 3.40
N SER B 153 20.02 9.39 4.68
CA SER B 153 19.20 10.49 5.17
C SER B 153 20.08 11.72 5.42
N PHE B 154 21.33 11.51 5.83
CA PHE B 154 22.23 12.62 6.08
C PHE B 154 22.50 13.42 4.80
N ILE B 155 22.70 12.71 3.70
CA ILE B 155 22.95 13.34 2.41
C ILE B 155 21.71 14.06 1.92
N ALA B 156 20.56 13.38 1.98
CA ALA B 156 19.30 13.96 1.53
C ALA B 156 19.05 15.31 2.22
N MET B 157 19.45 15.40 3.49
CA MET B 157 19.29 16.64 4.25
C MET B 157 20.23 17.69 3.66
N GLU B 158 21.32 17.21 3.08
CA GLU B 158 22.35 18.05 2.49
C GLU B 158 22.02 18.58 1.07
N LEU B 159 21.32 17.78 0.27
CA LEU B 159 20.98 18.18 -1.09
C LEU B 159 19.50 18.51 -1.31
N GLY B 160 18.64 18.00 -0.43
CA GLY B 160 17.22 18.24 -0.55
C GLY B 160 16.60 17.37 -1.63
N VAL B 161 16.90 16.08 -1.60
CA VAL B 161 16.38 15.17 -2.60
C VAL B 161 15.77 13.93 -1.96
N SER B 162 14.84 13.31 -2.67
CA SER B 162 14.18 12.09 -2.19
C SER B 162 15.23 11.09 -1.69
N MET B 163 14.89 10.32 -0.66
CA MET B 163 15.82 9.34 -0.12
C MET B 163 15.75 8.04 -0.89
N GLN B 164 14.81 7.95 -1.84
CA GLN B 164 14.64 6.76 -2.66
C GLN B 164 15.64 6.74 -3.83
N ASP B 165 16.34 7.86 -4.03
CA ASP B 165 17.29 7.95 -5.12
C ASP B 165 18.72 8.08 -4.61
N ILE B 166 18.95 7.73 -3.35
CA ILE B 166 20.30 7.77 -2.80
C ILE B 166 20.73 6.34 -2.47
N ASN B 167 21.93 5.97 -2.91
CA ASN B 167 22.48 4.65 -2.65
C ASN B 167 23.72 4.80 -1.78
N ALA B 168 23.86 3.98 -0.76
CA ALA B 168 25.03 4.10 0.10
C ALA B 168 25.74 2.76 0.27
N CYS B 169 27.06 2.79 0.33
CA CYS B 169 27.84 1.57 0.49
C CYS B 169 28.56 1.61 1.83
N VAL B 170 28.24 0.65 2.70
CA VAL B 170 28.85 0.57 4.04
C VAL B 170 29.19 -0.88 4.42
N LEU B 171 30.48 -1.14 4.63
CA LEU B 171 30.93 -2.47 4.99
C LEU B 171 31.58 -2.50 6.38
N GLY B 172 31.70 -3.70 6.94
CA GLY B 172 32.31 -3.87 8.26
C GLY B 172 31.33 -3.76 9.41
N GLY B 173 31.81 -3.30 10.55
CA GLY B 173 30.96 -3.16 11.72
C GLY B 173 30.60 -1.72 12.05
N HIS B 174 30.15 -1.50 13.30
CA HIS B 174 29.77 -0.16 13.77
C HIS B 174 30.93 0.58 14.43
N GLY B 175 30.75 1.88 14.59
CA GLY B 175 31.77 2.70 15.22
C GLY B 175 33.07 2.88 14.47
N ASP B 176 34.17 2.45 15.09
CA ASP B 176 35.49 2.55 14.50
C ASP B 176 35.75 1.39 13.54
N ALA B 177 34.80 0.48 13.43
CA ALA B 177 34.94 -0.68 12.55
C ALA B 177 34.07 -0.55 11.31
N MET B 178 33.44 0.61 11.18
CA MET B 178 32.58 0.88 10.03
C MET B 178 33.48 1.27 8.83
N VAL B 179 33.13 0.80 7.65
CA VAL B 179 33.93 1.11 6.46
C VAL B 179 33.07 1.64 5.31
N PRO B 180 32.86 2.97 5.27
CA PRO B 180 32.06 3.58 4.20
C PRO B 180 32.87 3.65 2.90
N VAL B 181 32.25 3.26 1.79
CA VAL B 181 32.91 3.28 0.48
C VAL B 181 32.37 4.45 -0.34
N VAL B 182 33.04 5.60 -0.23
CA VAL B 182 32.62 6.81 -0.92
C VAL B 182 32.33 6.64 -2.41
N LYS B 183 33.22 5.99 -3.14
CA LYS B 183 33.02 5.82 -4.57
C LYS B 183 31.75 5.10 -5.00
N TYR B 184 31.06 4.42 -4.09
CA TYR B 184 29.83 3.74 -4.45
C TYR B 184 28.60 4.41 -3.87
N THR B 185 28.80 5.60 -3.29
CA THR B 185 27.71 6.36 -2.71
C THR B 185 27.25 7.34 -3.77
N THR B 186 26.11 7.05 -4.37
CA THR B 186 25.60 7.87 -5.45
C THR B 186 24.31 8.61 -5.17
N VAL B 187 23.82 9.29 -6.21
CA VAL B 187 22.56 10.03 -6.15
C VAL B 187 22.00 9.96 -7.56
N ALA B 188 21.12 8.99 -7.78
CA ALA B 188 20.53 8.78 -9.09
C ALA B 188 21.64 8.33 -10.05
N GLY B 189 22.66 7.68 -9.50
CA GLY B 189 23.77 7.19 -10.30
C GLY B 189 25.04 8.01 -10.23
N ILE B 190 24.91 9.27 -9.82
CA ILE B 190 26.05 10.17 -9.73
C ILE B 190 26.84 10.04 -8.44
N PRO B 191 28.17 9.87 -8.53
CA PRO B 191 28.96 9.74 -7.30
C PRO B 191 28.76 11.03 -6.52
N ILE B 192 28.80 10.96 -5.20
CA ILE B 192 28.60 12.16 -4.39
C ILE B 192 29.85 13.02 -4.27
N SER B 193 30.97 12.56 -4.83
CA SER B 193 32.19 13.34 -4.77
C SER B 193 32.15 14.42 -5.84
N ASP B 194 31.15 14.38 -6.71
CA ASP B 194 30.97 15.37 -7.77
C ASP B 194 29.86 16.34 -7.38
N LEU B 195 29.29 16.17 -6.19
CA LEU B 195 28.20 17.02 -5.71
C LEU B 195 28.54 17.74 -4.42
N LEU B 196 29.33 17.12 -3.56
CA LEU B 196 29.70 17.70 -2.30
C LEU B 196 31.19 17.75 -2.03
N PRO B 197 31.64 18.74 -1.26
CA PRO B 197 33.05 18.93 -0.91
C PRO B 197 33.55 17.76 -0.08
N ALA B 198 34.87 17.60 -0.03
CA ALA B 198 35.46 16.51 0.72
C ALA B 198 35.34 16.78 2.22
N GLU B 199 35.29 18.05 2.61
CA GLU B 199 35.15 18.39 4.02
C GLU B 199 33.73 18.07 4.47
N THR B 200 32.76 18.38 3.63
CA THR B 200 31.36 18.11 3.93
C THR B 200 31.14 16.61 4.06
N ILE B 201 31.73 15.84 3.13
CA ILE B 201 31.59 14.39 3.14
C ILE B 201 32.21 13.82 4.42
N ASP B 202 33.34 14.37 4.83
CA ASP B 202 34.04 13.92 6.03
C ASP B 202 33.18 14.03 7.28
N LYS B 203 32.38 15.10 7.36
CA LYS B 203 31.52 15.29 8.51
C LYS B 203 30.33 14.34 8.41
N LEU B 204 29.79 14.16 7.21
CA LEU B 204 28.66 13.25 7.02
C LEU B 204 29.04 11.81 7.37
N VAL B 205 30.31 11.49 7.21
CA VAL B 205 30.83 10.15 7.54
C VAL B 205 31.01 10.04 9.04
N GLU B 206 31.52 11.12 9.63
CA GLU B 206 31.74 11.19 11.06
C GLU B 206 30.43 11.03 11.81
N ARG B 207 29.42 11.80 11.41
CA ARG B 207 28.12 11.76 12.05
C ARG B 207 27.51 10.37 11.96
N THR B 208 27.88 9.61 10.93
CA THR B 208 27.35 8.26 10.78
C THR B 208 28.05 7.30 11.74
N ARG B 209 29.38 7.43 11.84
CA ARG B 209 30.15 6.57 12.74
C ARG B 209 29.58 6.62 14.15
N ASN B 210 29.14 7.81 14.56
CA ASN B 210 28.59 7.99 15.90
C ASN B 210 27.06 8.12 15.85
N GLY B 211 26.45 7.57 14.80
CA GLY B 211 25.02 7.65 14.63
C GLY B 211 24.10 7.15 15.75
N GLY B 212 24.45 6.02 16.36
CA GLY B 212 23.63 5.46 17.43
C GLY B 212 23.82 6.18 18.75
N ALA B 213 25.05 6.62 19.02
CA ALA B 213 25.35 7.35 20.25
C ALA B 213 24.71 8.73 20.23
N GLU B 214 24.24 9.14 19.05
CA GLU B 214 23.60 10.45 18.91
C GLU B 214 22.16 10.35 19.39
N ILE B 215 21.47 9.26 19.04
CA ILE B 215 20.08 9.05 19.45
C ILE B 215 20.06 8.74 20.95
N VAL B 216 21.10 8.05 21.42
CA VAL B 216 21.23 7.68 22.82
C VAL B 216 21.51 8.88 23.73
N GLU B 217 22.41 9.76 23.31
CA GLU B 217 22.72 10.92 24.12
C GLU B 217 21.47 11.78 24.24
N HIS B 218 20.55 11.64 23.28
CA HIS B 218 19.30 12.40 23.30
C HIS B 218 18.30 11.76 24.26
N LEU B 219 17.85 10.56 23.92
CA LEU B 219 16.88 9.82 24.73
C LEU B 219 17.32 9.69 26.18
N LYS B 220 18.64 9.69 26.39
CA LYS B 220 19.22 9.56 27.72
C LYS B 220 18.84 8.26 28.46
N GLN B 221 17.90 7.51 27.90
CA GLN B 221 17.45 6.24 28.51
C GLN B 221 16.93 5.23 27.48
N GLY B 222 17.84 4.52 26.82
CA GLY B 222 17.39 3.55 25.83
C GLY B 222 18.28 3.49 24.60
N SER B 223 17.65 3.48 23.42
CA SER B 223 18.37 3.43 22.15
C SER B 223 17.39 3.49 20.99
N ALA B 224 17.89 3.73 19.79
CA ALA B 224 17.04 3.82 18.61
C ALA B 224 16.33 2.50 18.37
N PHE B 225 15.28 2.53 17.54
CA PHE B 225 14.55 1.31 17.24
C PHE B 225 13.60 1.40 16.04
N TYR B 226 13.25 2.60 15.62
CA TYR B 226 12.36 2.73 14.44
C TYR B 226 13.14 2.37 13.16
N ALA B 227 14.28 3.00 12.96
CA ALA B 227 15.10 2.72 11.79
C ALA B 227 15.65 1.30 11.90
N PRO B 228 16.15 0.91 13.09
CA PRO B 228 16.70 -0.44 13.25
C PRO B 228 15.70 -1.54 12.92
N ALA B 229 14.43 -1.29 13.23
CA ALA B 229 13.38 -2.28 12.99
C ALA B 229 12.92 -2.33 11.54
N SER B 230 12.91 -1.17 10.88
CA SER B 230 12.51 -1.10 9.48
C SER B 230 13.58 -1.81 8.62
N SER B 231 14.84 -1.68 9.04
CA SER B 231 15.96 -2.31 8.37
C SER B 231 15.77 -3.83 8.38
N VAL B 232 15.50 -4.40 9.56
CA VAL B 232 15.31 -5.85 9.66
C VAL B 232 14.15 -6.34 8.80
N VAL B 233 13.06 -5.59 8.76
CA VAL B 233 11.90 -6.00 7.96
C VAL B 233 12.23 -5.98 6.46
N GLU B 234 13.19 -5.15 6.09
CA GLU B 234 13.65 -5.02 4.72
C GLU B 234 14.21 -6.40 4.31
N MET B 235 15.08 -6.95 5.15
CA MET B 235 15.70 -8.27 4.94
C MET B 235 14.67 -9.39 4.88
N VAL B 236 13.71 -9.37 5.81
CA VAL B 236 12.65 -10.36 5.87
C VAL B 236 11.82 -10.42 4.58
N GLU B 237 11.40 -9.26 4.09
CA GLU B 237 10.61 -9.17 2.86
C GLU B 237 11.29 -9.84 1.67
N SER B 238 12.58 -9.59 1.52
CA SER B 238 13.36 -10.15 0.41
C SER B 238 13.29 -11.68 0.46
N ILE B 239 13.48 -12.24 1.65
CA ILE B 239 13.41 -13.68 1.85
C ILE B 239 11.99 -14.19 1.61
N VAL B 240 11.01 -13.55 2.23
CA VAL B 240 9.63 -13.99 2.05
C VAL B 240 9.19 -13.92 0.60
N LEU B 241 9.28 -12.72 0.02
CA LEU B 241 8.86 -12.52 -1.36
C LEU B 241 9.87 -12.96 -2.43
N ASP B 242 11.07 -13.35 -2.00
CA ASP B 242 12.10 -13.84 -2.91
C ASP B 242 12.40 -12.82 -4.02
N ARG B 243 12.65 -11.59 -3.61
CA ARG B 243 12.94 -10.50 -4.53
C ARG B 243 14.34 -10.59 -5.10
N LYS B 244 15.29 -11.04 -4.27
CA LYS B 244 16.70 -11.16 -4.64
C LYS B 244 17.44 -9.84 -4.43
N ARG B 245 16.96 -9.06 -3.47
CA ARG B 245 17.57 -7.78 -3.12
C ARG B 245 19.06 -7.98 -2.86
N VAL B 246 19.83 -6.90 -2.97
CA VAL B 246 21.26 -6.92 -2.70
C VAL B 246 21.46 -5.88 -1.60
N LEU B 247 21.80 -6.35 -0.39
CA LEU B 247 21.97 -5.50 0.78
C LEU B 247 23.20 -5.91 1.62
N PRO B 248 23.84 -4.96 2.31
CA PRO B 248 25.02 -5.26 3.14
C PRO B 248 24.67 -5.89 4.50
N CYS B 249 24.93 -7.19 4.62
CA CYS B 249 24.63 -7.92 5.86
C CYS B 249 25.87 -8.62 6.42
N ALA B 250 25.83 -8.97 7.70
CA ALA B 250 26.96 -9.65 8.33
C ALA B 250 26.87 -11.14 8.02
N VAL B 251 27.89 -11.65 7.32
CA VAL B 251 27.94 -13.07 6.97
C VAL B 251 29.31 -13.66 7.29
N GLY B 252 29.40 -14.99 7.26
CA GLY B 252 30.65 -15.64 7.52
C GLY B 252 31.46 -15.77 6.23
N LEU B 253 32.71 -15.33 6.28
CA LEU B 253 33.59 -15.37 5.11
C LEU B 253 34.57 -16.56 5.15
N GLU B 254 34.88 -17.07 3.96
CA GLU B 254 35.82 -18.17 3.82
C GLU B 254 36.86 -17.79 2.76
N GLY B 255 37.41 -16.59 2.84
CA GLY B 255 38.39 -16.18 1.85
C GLY B 255 38.26 -14.78 1.27
N GLN B 256 37.06 -14.43 0.82
CA GLN B 256 36.79 -13.11 0.23
C GLN B 256 37.53 -12.00 0.97
N TYR B 257 37.86 -10.94 0.24
CA TYR B 257 38.58 -9.78 0.79
C TYR B 257 39.81 -10.22 1.59
N GLY B 258 40.21 -11.47 1.41
CA GLY B 258 41.38 -11.97 2.09
C GLY B 258 41.13 -12.31 3.55
N ILE B 259 39.90 -12.14 4.01
CA ILE B 259 39.56 -12.44 5.40
C ILE B 259 39.01 -13.87 5.48
N ASP B 260 39.44 -14.59 6.52
CA ASP B 260 38.98 -15.97 6.69
C ASP B 260 38.47 -16.34 8.09
N LYS B 261 37.41 -17.14 8.10
CA LYS B 261 36.78 -17.63 9.34
C LYS B 261 36.37 -16.52 10.30
N THR B 262 35.49 -15.64 9.82
CA THR B 262 35.02 -14.52 10.64
C THR B 262 33.75 -13.96 10.03
N PHE B 263 33.00 -13.22 10.83
CA PHE B 263 31.78 -12.59 10.34
C PHE B 263 32.09 -11.11 10.21
N VAL B 264 31.78 -10.55 9.04
CA VAL B 264 32.00 -9.13 8.74
C VAL B 264 30.98 -8.68 7.71
N GLY B 265 30.63 -7.40 7.72
CA GLY B 265 29.63 -6.90 6.79
C GLY B 265 30.06 -6.73 5.34
N VAL B 266 29.30 -7.35 4.43
CA VAL B 266 29.59 -7.28 2.99
C VAL B 266 28.30 -7.43 2.18
N PRO B 267 28.26 -6.87 0.96
CA PRO B 267 27.06 -6.96 0.11
C PRO B 267 26.72 -8.43 -0.17
N VAL B 268 25.44 -8.78 -0.13
CA VAL B 268 25.02 -10.17 -0.38
C VAL B 268 23.66 -10.18 -1.06
N LYS B 269 23.26 -11.33 -1.60
CA LYS B 269 21.97 -11.45 -2.27
C LYS B 269 21.05 -12.35 -1.46
N LEU B 270 19.91 -11.80 -1.01
CA LEU B 270 18.94 -12.54 -0.20
C LEU B 270 17.75 -13.12 -0.93
N GLY B 271 17.63 -14.43 -0.86
CA GLY B 271 16.50 -15.12 -1.49
C GLY B 271 15.79 -15.98 -0.46
N ARG B 272 14.91 -16.87 -0.91
CA ARG B 272 14.17 -17.75 0.00
C ARG B 272 15.10 -18.58 0.88
N ASN B 273 16.21 -19.05 0.32
CA ASN B 273 17.18 -19.88 1.04
C ASN B 273 18.29 -19.10 1.74
N GLY B 274 18.09 -17.80 1.92
CA GLY B 274 19.10 -17.00 2.60
C GLY B 274 20.17 -16.36 1.72
N VAL B 275 21.42 -16.56 2.10
CA VAL B 275 22.56 -16.02 1.37
C VAL B 275 22.76 -16.78 0.07
N GLU B 276 22.19 -16.28 -1.03
CA GLU B 276 22.32 -16.96 -2.30
C GLU B 276 23.52 -16.52 -3.13
N GLN B 277 24.28 -15.56 -2.61
CA GLN B 277 25.48 -15.07 -3.28
C GLN B 277 26.16 -13.95 -2.53
N ILE B 278 27.48 -14.04 -2.42
CA ILE B 278 28.26 -12.99 -1.76
C ILE B 278 29.06 -12.26 -2.81
N TYR B 279 29.10 -10.93 -2.70
CA TYR B 279 29.82 -10.12 -3.64
C TYR B 279 31.13 -9.62 -3.07
N GLU B 280 32.17 -9.71 -3.90
CA GLU B 280 33.50 -9.27 -3.53
C GLU B 280 33.78 -8.06 -4.42
N ILE B 281 33.44 -6.87 -3.92
CA ILE B 281 33.60 -5.64 -4.67
C ILE B 281 35.03 -5.09 -4.67
N ASN B 282 35.31 -4.20 -5.62
CA ASN B 282 36.64 -3.62 -5.78
C ASN B 282 36.96 -2.40 -4.90
N LEU B 283 37.38 -2.68 -3.67
CA LEU B 283 37.73 -1.60 -2.73
C LEU B 283 39.11 -1.08 -3.11
N ASP B 284 39.49 0.05 -2.53
CA ASP B 284 40.80 0.64 -2.80
C ASP B 284 41.74 0.30 -1.66
N GLN B 285 43.01 0.09 -2.00
CA GLN B 285 44.04 -0.27 -1.04
C GLN B 285 43.88 0.39 0.35
N ALA B 286 43.27 1.57 0.38
CA ALA B 286 43.06 2.28 1.65
C ALA B 286 42.04 1.64 2.57
N ASP B 287 40.82 1.42 2.05
CA ASP B 287 39.73 0.83 2.82
C ASP B 287 39.93 -0.66 3.06
N LEU B 288 40.36 -1.39 2.04
CA LEU B 288 40.60 -2.83 2.13
C LEU B 288 41.43 -3.16 3.36
N ASP B 289 42.51 -2.41 3.57
CA ASP B 289 43.40 -2.61 4.71
C ASP B 289 42.64 -2.40 6.01
N LEU B 290 41.70 -1.46 5.99
CA LEU B 290 40.89 -1.15 7.15
C LEU B 290 39.86 -2.25 7.44
N LEU B 291 39.30 -2.84 6.38
CA LEU B 291 38.33 -3.89 6.54
C LEU B 291 38.99 -5.15 7.11
N GLN B 292 40.27 -5.32 6.81
CA GLN B 292 41.02 -6.48 7.29
C GLN B 292 41.33 -6.33 8.77
N LYS B 293 41.66 -5.12 9.18
CA LYS B 293 41.97 -4.84 10.59
C LYS B 293 40.69 -4.84 11.42
N SER B 294 39.55 -4.71 10.75
CA SER B 294 38.27 -4.73 11.43
C SER B 294 38.01 -6.17 11.86
N ALA B 295 37.96 -7.07 10.88
CA ALA B 295 37.73 -8.47 11.15
C ALA B 295 38.87 -9.01 12.03
N LYS B 296 39.93 -8.23 12.15
CA LYS B 296 41.08 -8.61 12.97
C LYS B 296 40.71 -8.77 14.45
N ILE B 297 40.08 -7.74 15.01
CA ILE B 297 39.68 -7.78 16.41
C ILE B 297 38.37 -8.55 16.52
N VAL B 298 37.57 -8.53 15.44
CA VAL B 298 36.29 -9.24 15.37
C VAL B 298 36.60 -10.72 15.12
N ASP B 299 37.85 -11.09 15.41
CA ASP B 299 38.34 -12.45 15.22
C ASP B 299 38.90 -13.02 16.53
N MET C 1 0.10 19.74 3.67
CA MET C 1 -0.60 19.17 4.86
C MET C 1 0.36 19.06 6.05
N LYS C 2 0.29 20.03 6.97
CA LYS C 2 1.16 19.99 8.13
C LYS C 2 0.39 19.39 9.33
N ILE C 3 1.07 18.53 10.09
CA ILE C 3 0.43 17.90 11.25
C ILE C 3 1.30 17.90 12.51
N THR C 4 0.70 18.28 13.63
CA THR C 4 1.40 18.30 14.92
C THR C 4 0.81 17.31 15.96
N VAL C 5 1.71 16.70 16.71
CA VAL C 5 1.36 15.72 17.73
C VAL C 5 1.98 16.12 19.05
N ILE C 6 1.13 16.45 20.01
CA ILE C 6 1.60 16.84 21.35
C ILE C 6 1.74 15.58 22.23
N GLY C 7 2.93 15.39 22.80
CA GLY C 7 3.16 14.24 23.67
C GLY C 7 3.96 13.14 23.00
N ALA C 8 5.16 12.88 23.52
CA ALA C 8 6.03 11.87 22.92
C ALA C 8 6.20 10.55 23.68
N GLY C 9 5.14 10.10 24.34
CA GLY C 9 5.21 8.83 25.02
C GLY C 9 5.03 7.75 23.96
N ASN C 10 4.39 6.64 24.30
CA ASN C 10 4.21 5.58 23.31
C ASN C 10 3.05 5.80 22.34
N VAL C 11 2.01 6.53 22.76
CA VAL C 11 0.89 6.75 21.86
C VAL C 11 1.19 7.86 20.83
N GLY C 12 1.94 8.86 21.25
CA GLY C 12 2.30 9.94 20.34
C GLY C 12 3.27 9.50 19.26
N ALA C 13 4.38 8.90 19.66
CA ALA C 13 5.38 8.43 18.71
C ALA C 13 4.75 7.49 17.68
N THR C 14 4.03 6.47 18.15
CA THR C 14 3.43 5.50 17.26
C THR C 14 2.48 6.10 16.22
N THR C 15 1.84 7.20 16.56
CA THR C 15 0.92 7.81 15.61
C THR C 15 1.70 8.66 14.59
N ALA C 16 2.69 9.38 15.09
CA ALA C 16 3.54 10.24 14.27
C ALA C 16 4.22 9.37 13.21
N PHE C 17 4.75 8.22 13.66
CA PHE C 17 5.43 7.32 12.76
C PHE C 17 4.49 6.78 11.67
N ARG C 18 3.31 6.31 12.09
CA ARG C 18 2.34 5.72 11.17
C ARG C 18 1.74 6.70 10.16
N ILE C 19 1.85 8.00 10.43
CA ILE C 19 1.32 8.98 9.50
C ILE C 19 2.36 9.19 8.40
N ALA C 20 3.63 9.19 8.78
CA ALA C 20 4.71 9.35 7.83
C ALA C 20 4.77 8.12 6.90
N ASP C 21 4.99 6.96 7.48
CA ASP C 21 5.08 5.72 6.71
C ASP C 21 3.85 5.48 5.83
N LYS C 22 2.75 6.16 6.11
CA LYS C 22 1.53 6.02 5.32
C LYS C 22 1.39 7.19 4.35
N LYS C 23 2.32 8.13 4.44
CA LYS C 23 2.37 9.32 3.57
C LYS C 23 1.11 10.20 3.60
N LEU C 24 0.68 10.57 4.80
CA LEU C 24 -0.51 11.42 4.95
C LEU C 24 -0.19 12.89 5.18
N ALA C 25 1.09 13.19 5.37
CA ALA C 25 1.53 14.56 5.61
C ALA C 25 2.87 14.82 4.93
N ARG C 26 3.19 16.10 4.75
CA ARG C 26 4.45 16.51 4.15
C ARG C 26 5.35 16.91 5.31
N GLU C 27 4.74 17.58 6.28
CA GLU C 27 5.45 18.05 7.47
C GLU C 27 4.84 17.39 8.70
N LEU C 28 5.64 17.20 9.74
CA LEU C 28 5.18 16.54 10.94
C LEU C 28 6.04 16.95 12.13
N VAL C 29 5.41 17.55 13.15
CA VAL C 29 6.12 17.99 14.34
C VAL C 29 5.73 17.15 15.56
N LEU C 30 6.72 16.85 16.40
CA LEU C 30 6.50 16.08 17.62
C LEU C 30 6.96 16.95 18.78
N LEU C 31 5.99 17.45 19.53
CA LEU C 31 6.25 18.33 20.67
C LEU C 31 6.19 17.62 22.02
N ASP C 32 7.01 18.10 22.96
CA ASP C 32 7.05 17.53 24.29
C ASP C 32 7.92 18.40 25.19
N VAL C 33 7.35 18.85 26.30
CA VAL C 33 7.99 19.73 27.27
C VAL C 33 9.39 19.39 27.78
N VAL C 34 9.73 18.11 27.84
CA VAL C 34 11.05 17.69 28.32
C VAL C 34 12.09 17.65 27.19
N GLU C 35 13.23 18.34 27.40
CA GLU C 35 14.30 18.42 26.40
C GLU C 35 15.13 17.14 26.22
N GLY C 36 14.93 16.46 25.09
CA GLY C 36 15.69 15.25 24.85
C GLY C 36 14.97 14.12 24.15
N ILE C 37 13.80 13.73 24.66
CA ILE C 37 13.01 12.64 24.10
C ILE C 37 12.37 12.94 22.74
N PRO C 38 11.66 14.06 22.60
CA PRO C 38 11.04 14.36 21.31
C PRO C 38 12.08 14.52 20.19
N GLN C 39 13.30 14.89 20.58
CA GLN C 39 14.38 15.06 19.62
C GLN C 39 14.81 13.69 19.08
N GLY C 40 15.37 12.87 19.96
CA GLY C 40 15.84 11.54 19.57
C GLY C 40 14.86 10.65 18.82
N LYS C 41 13.58 10.72 19.15
CA LYS C 41 12.59 9.87 18.49
C LYS C 41 12.22 10.35 17.09
N GLY C 42 12.08 11.66 16.94
CA GLY C 42 11.74 12.21 15.63
C GLY C 42 12.84 11.92 14.63
N LEU C 43 14.07 12.18 15.05
CA LEU C 43 15.26 11.95 14.22
C LEU C 43 15.33 10.49 13.80
N ASP C 44 15.06 9.60 14.76
CA ASP C 44 15.08 8.17 14.52
C ASP C 44 14.03 7.77 13.49
N MET C 45 12.90 8.47 13.47
CA MET C 45 11.83 8.17 12.52
C MET C 45 12.23 8.67 11.14
N TYR C 46 12.91 9.82 11.11
CA TYR C 46 13.35 10.42 9.86
C TYR C 46 14.39 9.52 9.18
N GLU C 47 15.34 9.02 9.98
CA GLU C 47 16.38 8.14 9.47
C GLU C 47 15.77 6.82 9.03
N THR C 48 14.43 6.77 8.92
CA THR C 48 13.72 5.56 8.54
C THR C 48 13.15 5.71 7.12
N GLY C 49 13.13 6.95 6.65
CA GLY C 49 12.62 7.23 5.31
C GLY C 49 13.28 6.48 4.16
N PRO C 50 14.61 6.28 4.20
CA PRO C 50 15.26 5.55 3.11
C PRO C 50 14.68 4.15 2.98
N VAL C 51 14.29 3.58 4.11
CA VAL C 51 13.75 2.22 4.14
C VAL C 51 12.25 2.12 4.00
N GLY C 52 11.52 3.15 4.41
CA GLY C 52 10.07 3.08 4.30
C GLY C 52 9.57 3.66 3.00
N LEU C 53 10.47 4.35 2.30
CA LEU C 53 10.15 5.00 1.03
C LEU C 53 9.22 6.21 1.18
N PHE C 54 9.53 7.08 2.13
CA PHE C 54 8.73 8.29 2.32
C PHE C 54 9.62 9.53 2.48
N ASP C 55 9.12 10.66 2.00
CA ASP C 55 9.83 11.92 2.06
C ASP C 55 8.93 12.89 2.82
N THR C 56 8.99 12.84 4.15
CA THR C 56 8.18 13.71 5.00
C THR C 56 9.08 14.39 6.01
N LYS C 57 8.98 15.72 6.12
CA LYS C 57 9.83 16.42 7.06
C LYS C 57 9.38 16.08 8.49
N ILE C 58 10.32 15.55 9.26
CA ILE C 58 10.04 15.14 10.63
C ILE C 58 11.01 15.74 11.61
N THR C 59 10.49 16.22 12.72
CA THR C 59 11.35 16.83 13.71
C THR C 59 10.64 16.96 15.06
N GLY C 60 11.40 16.90 16.14
CA GLY C 60 10.82 17.01 17.47
C GLY C 60 11.45 18.18 18.18
N SER C 61 10.74 18.79 19.11
CA SER C 61 11.28 19.94 19.84
C SER C 61 10.61 20.27 21.18
N ASN C 62 11.03 21.41 21.76
CA ASN C 62 10.53 21.90 23.04
C ASN C 62 9.99 23.34 22.88
N ASP C 63 9.46 23.68 21.72
CA ASP C 63 8.96 25.03 21.48
C ASP C 63 7.72 25.00 20.59
N TYR C 64 6.63 25.61 21.05
CA TYR C 64 5.38 25.62 20.28
C TYR C 64 5.44 26.39 18.96
N ALA C 65 6.50 27.18 18.77
CA ALA C 65 6.67 27.95 17.54
C ALA C 65 6.77 27.05 16.30
N ASP C 66 7.35 25.85 16.46
CA ASP C 66 7.49 24.88 15.37
C ASP C 66 6.19 24.21 14.94
N THR C 67 5.06 24.64 15.49
CA THR C 67 3.79 24.03 15.10
C THR C 67 2.97 24.98 14.24
N ALA C 68 3.49 26.19 14.07
CA ALA C 68 2.84 27.23 13.30
C ALA C 68 2.11 26.76 12.04
N ASP C 69 0.83 27.12 11.98
CA ASP C 69 -0.04 26.80 10.84
C ASP C 69 -0.40 25.36 10.58
N SER C 70 -0.30 24.50 11.60
CA SER C 70 -0.68 23.11 11.42
C SER C 70 -2.15 23.02 10.99
N ASP C 71 -2.48 22.04 10.16
CA ASP C 71 -3.86 21.86 9.67
C ASP C 71 -4.60 20.92 10.59
N ILE C 72 -3.84 20.03 11.20
CA ILE C 72 -4.39 19.03 12.09
C ILE C 72 -3.50 18.94 13.33
N VAL C 73 -4.12 19.10 14.51
CA VAL C 73 -3.36 18.98 15.75
C VAL C 73 -3.94 17.86 16.61
N ILE C 74 -3.07 17.01 17.11
CA ILE C 74 -3.47 15.86 17.92
C ILE C 74 -2.81 15.94 19.29
N ILE C 75 -3.65 15.85 20.32
CA ILE C 75 -3.18 15.91 21.72
C ILE C 75 -3.22 14.55 22.44
N THR C 76 -2.08 14.12 22.95
CA THR C 76 -1.98 12.86 23.68
C THR C 76 -1.40 13.11 25.08
N ALA C 77 -1.43 14.37 25.51
CA ALA C 77 -0.95 14.72 26.85
C ALA C 77 -2.13 14.40 27.77
N GLY C 78 -1.85 14.13 29.04
CA GLY C 78 -2.92 13.80 29.95
C GLY C 78 -3.07 12.29 30.03
N LEU C 79 -2.04 11.66 30.58
CA LEU C 79 -1.98 10.21 30.75
C LEU C 79 -3.20 9.76 31.55
N PRO C 80 -3.66 8.51 31.34
CA PRO C 80 -4.82 7.97 32.05
C PRO C 80 -4.51 7.80 33.55
N ARG C 81 -5.54 7.51 34.35
CA ARG C 81 -5.34 7.34 35.79
C ARG C 81 -4.21 6.39 36.12
N LYS C 82 -3.60 6.61 37.27
CA LYS C 82 -2.51 5.76 37.77
C LYS C 82 -3.09 4.90 38.90
N PRO C 83 -2.45 3.74 39.20
CA PRO C 83 -2.88 2.82 40.25
C PRO C 83 -3.50 3.48 41.49
N GLY C 84 -2.74 4.32 42.17
CA GLY C 84 -3.28 4.97 43.34
C GLY C 84 -3.89 6.32 43.01
N MET C 85 -4.85 6.35 42.09
CA MET C 85 -5.47 7.61 41.70
C MET C 85 -6.99 7.60 41.72
N THR C 86 -7.54 8.73 42.15
CA THR C 86 -8.98 8.91 42.23
C THR C 86 -9.45 9.67 40.99
N ARG C 87 -10.70 9.47 40.60
CA ARG C 87 -11.25 10.16 39.44
C ARG C 87 -11.15 11.66 39.59
N GLU C 88 -11.13 12.12 40.83
CA GLU C 88 -11.05 13.55 41.12
C GLU C 88 -9.66 14.05 40.76
N ASP C 89 -8.64 13.39 41.28
CA ASP C 89 -7.26 13.78 41.03
C ASP C 89 -6.90 13.86 39.54
N LEU C 90 -7.27 12.84 38.77
CA LEU C 90 -6.96 12.81 37.35
C LEU C 90 -7.63 13.95 36.60
N LEU C 91 -8.94 14.09 36.81
CA LEU C 91 -9.74 15.11 36.15
C LEU C 91 -9.18 16.52 36.39
N MET C 92 -8.41 16.66 37.46
CA MET C 92 -7.80 17.94 37.82
C MET C 92 -6.48 18.18 37.09
N LYS C 93 -5.54 17.27 37.28
CA LYS C 93 -4.25 17.37 36.64
C LYS C 93 -4.40 17.50 35.13
N ASN C 94 -5.18 16.60 34.54
CA ASN C 94 -5.40 16.60 33.09
C ASN C 94 -6.10 17.83 32.48
N ALA C 95 -7.13 18.37 33.14
CA ALA C 95 -7.81 19.54 32.62
C ALA C 95 -6.87 20.75 32.67
N GLY C 96 -5.90 20.69 33.58
CA GLY C 96 -4.94 21.76 33.70
C GLY C 96 -3.87 21.72 32.60
N ILE C 97 -3.58 20.52 32.13
CA ILE C 97 -2.60 20.32 31.07
C ILE C 97 -3.27 20.54 29.71
N VAL C 98 -4.46 19.97 29.55
CA VAL C 98 -5.22 20.08 28.31
C VAL C 98 -5.64 21.49 27.93
N LYS C 99 -5.68 22.41 28.88
CA LYS C 99 -6.09 23.76 28.51
C LYS C 99 -4.87 24.66 28.31
N GLU C 100 -3.75 24.28 28.93
CA GLU C 100 -2.52 25.05 28.80
C GLU C 100 -1.89 24.74 27.45
N VAL C 101 -2.11 23.52 26.96
CA VAL C 101 -1.60 23.12 25.67
C VAL C 101 -2.47 23.76 24.61
N THR C 102 -3.79 23.61 24.74
CA THR C 102 -4.70 24.21 23.77
C THR C 102 -4.42 25.71 23.61
N ASP C 103 -4.19 26.40 24.73
CA ASP C 103 -3.90 27.84 24.69
C ASP C 103 -2.69 28.11 23.80
N ASN C 104 -1.62 27.33 24.03
CA ASN C 104 -0.41 27.48 23.24
C ASN C 104 -0.63 27.18 21.75
N ILE C 105 -1.31 26.10 21.42
CA ILE C 105 -1.51 25.77 20.01
C ILE C 105 -2.33 26.79 19.25
N MET C 106 -3.25 27.47 19.93
CA MET C 106 -4.08 28.47 19.25
C MET C 106 -3.33 29.78 19.14
N LYS C 107 -2.17 29.85 19.80
CA LYS C 107 -1.35 31.04 19.78
C LYS C 107 -0.41 31.04 18.56
N HIS C 108 -0.51 30.01 17.72
CA HIS C 108 0.32 29.88 16.52
C HIS C 108 -0.46 29.33 15.31
N SER C 109 -1.54 28.60 15.56
CA SER C 109 -2.36 28.05 14.47
C SER C 109 -3.75 28.63 14.58
N LYS C 110 -4.17 29.33 13.54
CA LYS C 110 -5.48 29.97 13.51
C LYS C 110 -6.72 29.10 13.36
N ASN C 111 -6.72 28.19 12.39
CA ASN C 111 -7.92 27.38 12.17
C ASN C 111 -7.69 25.90 11.94
N PRO C 112 -7.02 25.22 12.88
CA PRO C 112 -6.78 23.79 12.72
C PRO C 112 -7.94 22.95 13.22
N ILE C 113 -8.01 21.70 12.77
CA ILE C 113 -9.02 20.75 13.23
C ILE C 113 -8.26 20.02 14.33
N ILE C 114 -8.85 19.93 15.52
CA ILE C 114 -8.18 19.26 16.63
C ILE C 114 -8.80 17.91 16.97
N ILE C 115 -7.94 16.92 17.18
CA ILE C 115 -8.35 15.57 17.55
C ILE C 115 -7.83 15.29 18.97
N VAL C 116 -8.77 15.18 19.91
CA VAL C 116 -8.45 14.93 21.31
C VAL C 116 -8.40 13.43 21.63
N VAL C 117 -7.38 13.04 22.38
CA VAL C 117 -7.17 11.64 22.78
C VAL C 117 -6.67 11.60 24.23
N SER C 118 -7.20 12.49 25.07
CA SER C 118 -6.80 12.56 26.48
C SER C 118 -7.86 11.97 27.39
N ASN C 119 -7.51 11.75 28.66
CA ASN C 119 -8.45 11.16 29.62
C ASN C 119 -8.89 12.08 30.75
N PRO C 120 -10.17 12.03 31.10
CA PRO C 120 -11.18 11.15 30.48
C PRO C 120 -11.55 11.70 29.10
N LEU C 121 -11.87 10.83 28.15
CA LEU C 121 -12.18 11.34 26.81
C LEU C 121 -13.23 12.41 26.61
N ASP C 122 -14.50 12.05 26.68
CA ASP C 122 -15.56 13.02 26.44
C ASP C 122 -15.47 14.36 27.19
N ILE C 123 -14.92 14.35 28.40
CA ILE C 123 -14.80 15.58 29.15
C ILE C 123 -13.66 16.46 28.63
N MET C 124 -12.52 15.84 28.32
CA MET C 124 -11.36 16.58 27.80
C MET C 124 -11.61 17.13 26.38
N THR C 125 -12.49 16.46 25.64
CA THR C 125 -12.82 16.90 24.28
C THR C 125 -13.69 18.15 24.39
N HIS C 126 -14.40 18.26 25.50
CA HIS C 126 -15.25 19.41 25.74
C HIS C 126 -14.36 20.56 26.22
N VAL C 127 -13.41 20.25 27.10
CA VAL C 127 -12.52 21.26 27.64
C VAL C 127 -11.70 21.97 26.55
N ALA C 128 -11.17 21.18 25.62
CA ALA C 128 -10.35 21.70 24.52
C ALA C 128 -11.17 22.58 23.58
N TRP C 129 -12.39 22.13 23.28
CA TRP C 129 -13.26 22.85 22.39
C TRP C 129 -13.69 24.21 22.90
N VAL C 130 -13.73 24.41 24.22
CA VAL C 130 -14.15 25.70 24.75
C VAL C 130 -12.98 26.67 24.85
N ARG C 131 -11.77 26.13 25.00
CA ARG C 131 -10.57 26.95 25.07
C ARG C 131 -10.12 27.34 23.66
N SER C 132 -10.52 26.53 22.67
CA SER C 132 -10.12 26.77 21.28
C SER C 132 -10.81 27.94 20.60
N GLY C 133 -12.13 27.94 20.59
CA GLY C 133 -12.87 29.01 19.95
C GLY C 133 -13.37 28.60 18.58
N LEU C 134 -12.97 27.43 18.14
CA LEU C 134 -13.36 26.91 16.83
C LEU C 134 -14.80 26.41 16.83
N PRO C 135 -15.41 26.27 15.64
CA PRO C 135 -16.78 25.77 15.64
C PRO C 135 -16.66 24.31 16.11
N LYS C 136 -17.72 23.76 16.69
CA LYS C 136 -17.64 22.40 17.20
C LYS C 136 -17.35 21.33 16.16
N GLU C 137 -17.63 21.60 14.89
CA GLU C 137 -17.38 20.65 13.83
C GLU C 137 -15.89 20.37 13.59
N ARG C 138 -15.03 21.11 14.27
CA ARG C 138 -13.59 20.98 14.09
C ARG C 138 -12.82 20.49 15.33
N VAL C 139 -13.54 19.99 16.33
CA VAL C 139 -12.92 19.47 17.55
C VAL C 139 -13.60 18.15 17.89
N ILE C 140 -12.89 17.03 17.73
CA ILE C 140 -13.44 15.70 18.01
C ILE C 140 -12.56 14.77 18.85
N GLY C 141 -13.18 13.78 19.48
CA GLY C 141 -12.45 12.84 20.32
C GLY C 141 -12.44 11.40 19.84
N MET C 142 -11.34 10.70 20.11
CA MET C 142 -11.18 9.31 19.71
C MET C 142 -11.53 8.29 20.80
N ALA C 143 -12.49 7.41 20.50
CA ALA C 143 -12.92 6.37 21.43
C ALA C 143 -13.75 5.27 20.76
N GLY C 144 -14.80 5.67 20.05
CA GLY C 144 -15.69 4.72 19.39
C GLY C 144 -15.00 3.72 18.48
N VAL C 145 -13.99 4.17 17.73
CA VAL C 145 -13.27 3.29 16.81
C VAL C 145 -12.43 2.27 17.56
N LEU C 146 -11.71 2.70 18.60
CA LEU C 146 -10.90 1.76 19.38
C LEU C 146 -11.79 0.65 19.99
N ASP C 147 -12.94 1.04 20.57
CA ASP C 147 -13.83 0.06 21.19
C ASP C 147 -14.43 -0.87 20.14
N ALA C 148 -14.97 -0.30 19.06
CA ALA C 148 -15.56 -1.13 18.01
C ALA C 148 -14.46 -2.04 17.43
N ALA C 149 -13.21 -1.57 17.47
CA ALA C 149 -12.10 -2.37 16.98
C ALA C 149 -11.93 -3.63 17.80
N ARG C 150 -11.82 -3.47 19.11
CA ARG C 150 -11.65 -4.63 19.99
C ARG C 150 -12.84 -5.59 19.88
N PHE C 151 -14.05 -5.04 19.84
CA PHE C 151 -15.27 -5.85 19.71
C PHE C 151 -15.20 -6.70 18.45
N ARG C 152 -14.89 -6.10 17.30
CA ARG C 152 -14.78 -6.84 16.03
C ARG C 152 -13.72 -7.94 16.12
N SER C 153 -12.58 -7.62 16.74
CA SER C 153 -11.50 -8.59 16.89
C SER C 153 -11.97 -9.79 17.73
N PHE C 154 -12.89 -9.54 18.66
CA PHE C 154 -13.41 -10.59 19.52
C PHE C 154 -14.38 -11.50 18.74
N ILE C 155 -15.29 -10.89 17.97
CA ILE C 155 -16.26 -11.66 17.19
C ILE C 155 -15.56 -12.54 16.15
N ALA C 156 -14.38 -12.12 15.73
CA ALA C 156 -13.61 -12.85 14.72
C ALA C 156 -12.95 -14.08 15.33
N MET C 157 -12.47 -13.96 16.56
CA MET C 157 -11.84 -15.07 17.28
C MET C 157 -12.86 -16.17 17.47
N GLU C 158 -14.13 -15.77 17.54
CA GLU C 158 -15.25 -16.68 17.74
C GLU C 158 -15.69 -17.43 16.47
N LEU C 159 -16.01 -16.69 15.41
CA LEU C 159 -16.48 -17.28 14.15
C LEU C 159 -15.40 -17.60 13.11
N GLY C 160 -14.17 -17.18 13.37
CA GLY C 160 -13.08 -17.45 12.44
C GLY C 160 -13.21 -16.86 11.05
N VAL C 161 -13.64 -15.60 10.97
CA VAL C 161 -13.76 -14.91 9.68
C VAL C 161 -12.83 -13.70 9.69
N SER C 162 -12.86 -12.94 8.59
CA SER C 162 -12.02 -11.76 8.43
C SER C 162 -12.54 -10.59 9.26
N MET C 163 -11.64 -9.95 9.98
CA MET C 163 -12.00 -8.80 10.79
C MET C 163 -12.56 -7.69 9.90
N GLN C 164 -12.37 -7.84 8.58
CA GLN C 164 -12.82 -6.86 7.60
C GLN C 164 -14.26 -7.04 7.14
N ASP C 165 -14.89 -8.14 7.53
CA ASP C 165 -16.28 -8.35 7.13
C ASP C 165 -17.25 -8.17 8.30
N ILE C 166 -16.77 -7.55 9.37
CA ILE C 166 -17.58 -7.33 10.57
C ILE C 166 -17.81 -5.87 10.97
N ASN C 167 -19.07 -5.50 11.10
CA ASN C 167 -19.40 -4.16 11.55
C ASN C 167 -19.72 -4.21 13.05
N ALA C 168 -19.08 -3.34 13.82
CA ALA C 168 -19.31 -3.27 15.26
C ALA C 168 -19.79 -1.87 15.66
N CYS C 169 -21.06 -1.75 16.04
CA CYS C 169 -21.66 -0.47 16.44
C CYS C 169 -21.51 -0.15 17.95
N VAL C 170 -20.76 0.91 18.27
CA VAL C 170 -20.53 1.27 19.68
C VAL C 170 -20.68 2.76 20.00
N LEU C 171 -21.67 3.12 20.81
CA LEU C 171 -21.89 4.52 21.18
C LEU C 171 -21.47 4.85 22.62
N GLY C 172 -21.77 6.06 23.07
CA GLY C 172 -21.44 6.46 24.42
C GLY C 172 -20.00 6.81 24.71
N GLY C 173 -19.47 6.23 25.80
CA GLY C 173 -18.09 6.48 26.20
C GLY C 173 -17.44 5.21 26.72
N HIS C 174 -16.31 5.33 27.43
CA HIS C 174 -15.62 4.15 27.97
C HIS C 174 -16.22 3.65 29.29
N GLY C 175 -15.85 2.43 29.66
CA GLY C 175 -16.34 1.84 30.89
C GLY C 175 -17.84 1.61 30.91
N ASP C 176 -18.47 1.99 32.03
CA ASP C 176 -19.90 1.82 32.16
C ASP C 176 -20.65 2.86 31.34
N ALA C 177 -19.88 3.75 30.71
CA ALA C 177 -20.45 4.79 29.87
C ALA C 177 -20.75 4.20 28.49
N MET C 178 -20.05 3.11 28.17
CA MET C 178 -20.17 2.43 26.87
C MET C 178 -21.55 1.85 26.58
N VAL C 179 -22.02 2.08 25.36
CA VAL C 179 -23.32 1.61 24.94
C VAL C 179 -23.26 0.85 23.61
N PRO C 180 -22.69 -0.36 23.62
CA PRO C 180 -22.57 -1.19 22.41
C PRO C 180 -23.93 -1.68 21.89
N VAL C 181 -24.24 -1.33 20.65
CA VAL C 181 -25.52 -1.70 20.02
C VAL C 181 -25.43 -2.99 19.21
N VAL C 182 -26.00 -4.06 19.77
CA VAL C 182 -26.02 -5.39 19.15
C VAL C 182 -26.88 -5.55 17.89
N LYS C 183 -28.06 -4.98 17.92
CA LYS C 183 -28.97 -5.05 16.79
C LYS C 183 -28.31 -4.66 15.47
N TYR C 184 -27.34 -3.73 15.54
CA TYR C 184 -26.65 -3.26 14.35
C TYR C 184 -25.20 -3.72 14.27
N THR C 185 -24.88 -4.88 14.84
CA THR C 185 -23.51 -5.42 14.77
C THR C 185 -23.64 -6.62 13.85
N THR C 186 -22.86 -6.63 12.78
CA THR C 186 -22.98 -7.71 11.80
C THR C 186 -21.73 -8.38 11.23
N VAL C 187 -22.00 -9.37 10.38
CA VAL C 187 -21.01 -10.15 9.65
C VAL C 187 -21.63 -10.29 8.26
N ALA C 188 -20.97 -9.71 7.24
CA ALA C 188 -21.50 -9.75 5.88
C ALA C 188 -22.99 -9.36 5.85
N GLY C 189 -23.33 -8.30 6.57
CA GLY C 189 -24.72 -7.82 6.62
C GLY C 189 -25.68 -8.65 7.46
N ILE C 190 -25.19 -9.72 8.08
CA ILE C 190 -25.98 -10.60 8.92
C ILE C 190 -25.81 -10.22 10.38
N PRO C 191 -26.92 -9.94 11.08
CA PRO C 191 -26.83 -9.56 12.50
C PRO C 191 -26.28 -10.75 13.29
N ILE C 192 -25.34 -10.50 14.19
CA ILE C 192 -24.74 -11.57 14.96
C ILE C 192 -25.71 -12.35 15.87
N SER C 193 -26.92 -11.83 16.05
CA SER C 193 -27.90 -12.53 16.87
C SER C 193 -28.43 -13.72 16.08
N ASP C 194 -28.22 -13.70 14.76
CA ASP C 194 -28.67 -14.79 13.89
C ASP C 194 -27.56 -15.82 13.81
N LEU C 195 -26.40 -15.52 14.40
CA LEU C 195 -25.27 -16.44 14.33
C LEU C 195 -24.61 -16.74 15.66
N LEU C 196 -25.18 -16.29 16.76
CA LEU C 196 -24.59 -16.56 18.07
C LEU C 196 -25.60 -16.57 19.21
N PRO C 197 -25.40 -17.46 20.20
CA PRO C 197 -26.31 -17.55 21.34
C PRO C 197 -26.07 -16.36 22.27
N ALA C 198 -27.14 -15.91 22.91
CA ALA C 198 -27.10 -14.78 23.82
C ALA C 198 -25.96 -14.77 24.85
N GLU C 199 -25.62 -15.94 25.40
CA GLU C 199 -24.56 -16.01 26.41
C GLU C 199 -23.21 -15.50 25.92
N THR C 200 -22.78 -15.99 24.76
CA THR C 200 -21.50 -15.60 24.17
C THR C 200 -21.47 -14.10 23.91
N ILE C 201 -22.46 -13.64 23.16
CA ILE C 201 -22.57 -12.23 22.84
C ILE C 201 -22.31 -11.36 24.07
N ASP C 202 -23.00 -11.64 25.16
CA ASP C 202 -22.82 -10.85 26.39
C ASP C 202 -21.40 -10.89 26.95
N LYS C 203 -20.65 -11.95 26.64
CA LYS C 203 -19.28 -12.04 27.14
C LYS C 203 -18.38 -11.13 26.32
N LEU C 204 -18.60 -11.14 25.00
CA LEU C 204 -17.82 -10.31 24.09
C LEU C 204 -18.08 -8.86 24.49
N VAL C 205 -19.34 -8.55 24.76
CA VAL C 205 -19.75 -7.21 25.17
C VAL C 205 -18.98 -6.72 26.40
N GLU C 206 -18.87 -7.59 27.40
CA GLU C 206 -18.18 -7.22 28.63
C GLU C 206 -16.67 -7.22 28.54
N ARG C 207 -16.10 -7.95 27.57
CA ARG C 207 -14.64 -7.95 27.39
C ARG C 207 -14.25 -6.60 26.77
N THR C 208 -15.16 -6.07 25.95
CA THR C 208 -14.96 -4.79 25.32
C THR C 208 -14.96 -3.66 26.36
N ARG C 209 -15.94 -3.67 27.28
CA ARG C 209 -16.03 -2.65 28.32
C ARG C 209 -14.76 -2.50 29.16
N ASN C 210 -14.08 -3.60 29.43
CA ASN C 210 -12.85 -3.59 30.23
C ASN C 210 -11.59 -3.85 29.38
N GLY C 211 -11.74 -3.79 28.06
CA GLY C 211 -10.63 -4.05 27.15
C GLY C 211 -9.27 -3.43 27.51
N GLY C 212 -9.24 -2.12 27.72
CA GLY C 212 -7.99 -1.47 28.06
C GLY C 212 -7.32 -2.03 29.30
N ALA C 213 -8.12 -2.30 30.33
CA ALA C 213 -7.58 -2.86 31.57
C ALA C 213 -6.97 -4.23 31.31
N GLU C 214 -7.56 -4.99 30.39
CA GLU C 214 -7.04 -6.30 30.02
C GLU C 214 -5.60 -6.19 29.49
N ILE C 215 -5.30 -5.08 28.81
CA ILE C 215 -3.97 -4.85 28.26
C ILE C 215 -2.99 -4.39 29.36
N VAL C 216 -3.51 -3.71 30.37
CA VAL C 216 -2.67 -3.22 31.48
C VAL C 216 -2.30 -4.37 32.42
N GLU C 217 -3.12 -5.43 32.40
CA GLU C 217 -2.88 -6.58 33.25
C GLU C 217 -1.57 -7.25 32.82
N HIS C 218 -1.38 -7.37 31.50
CA HIS C 218 -0.19 -7.97 30.94
C HIS C 218 1.01 -7.03 30.97
N LEU C 219 0.77 -5.76 30.59
CA LEU C 219 1.85 -4.77 30.56
C LEU C 219 2.42 -4.42 31.93
N LYS C 220 1.58 -4.49 32.97
CA LYS C 220 1.98 -4.20 34.34
C LYS C 220 2.30 -2.75 34.69
N GLN C 221 2.95 -2.02 33.78
CA GLN C 221 3.27 -0.63 34.06
C GLN C 221 3.05 0.34 32.90
N GLY C 222 1.93 0.19 32.21
CA GLY C 222 1.64 1.09 31.10
C GLY C 222 0.40 0.65 30.36
N SER C 223 -0.16 1.52 29.53
CA SER C 223 -1.35 1.20 28.75
C SER C 223 -1.08 0.90 27.25
N ALA C 224 -2.12 0.46 26.55
CA ALA C 224 -2.03 0.10 25.15
C ALA C 224 -1.70 1.32 24.28
N PHE C 225 -1.20 1.07 23.06
CA PHE C 225 -0.88 2.14 22.12
C PHE C 225 -0.96 1.79 20.64
N TYR C 226 -0.63 0.55 20.26
CA TYR C 226 -0.72 0.16 18.86
C TYR C 226 -2.15 0.34 18.31
N ALA C 227 -3.12 -0.34 18.91
CA ALA C 227 -4.50 -0.21 18.46
C ALA C 227 -5.03 1.23 18.60
N PRO C 228 -4.74 1.88 19.75
CA PRO C 228 -5.20 3.26 19.97
C PRO C 228 -4.65 4.27 18.93
N ALA C 229 -3.37 4.11 18.59
CA ALA C 229 -2.73 5.00 17.63
C ALA C 229 -3.32 4.81 16.24
N SER C 230 -3.61 3.57 15.86
CA SER C 230 -4.17 3.30 14.54
C SER C 230 -5.60 3.80 14.39
N SER C 231 -6.36 3.77 15.47
CA SER C 231 -7.73 4.26 15.40
C SER C 231 -7.67 5.76 15.13
N VAL C 232 -6.70 6.43 15.76
CA VAL C 232 -6.51 7.86 15.56
C VAL C 232 -6.31 8.16 14.07
N VAL C 233 -5.35 7.46 13.46
CA VAL C 233 -5.04 7.63 12.05
C VAL C 233 -6.21 7.32 11.11
N GLU C 234 -6.96 6.27 11.39
CA GLU C 234 -8.12 5.93 10.57
C GLU C 234 -8.92 7.21 10.32
N MET C 235 -9.09 7.98 11.38
CA MET C 235 -9.82 9.25 11.34
C MET C 235 -9.03 10.33 10.57
N VAL C 236 -7.74 10.44 10.84
CA VAL C 236 -6.90 11.41 10.16
C VAL C 236 -7.01 11.23 8.64
N GLU C 237 -7.02 9.98 8.20
CA GLU C 237 -7.13 9.63 6.80
C GLU C 237 -8.44 10.11 6.18
N SER C 238 -9.56 9.95 6.89
CA SER C 238 -10.83 10.38 6.33
C SER C 238 -10.85 11.90 6.08
N ILE C 239 -10.24 12.66 7.00
CA ILE C 239 -10.16 14.11 6.90
C ILE C 239 -9.29 14.49 5.69
N VAL C 240 -8.03 14.10 5.76
CA VAL C 240 -7.07 14.37 4.69
C VAL C 240 -7.49 13.92 3.29
N LEU C 241 -8.13 12.76 3.16
CA LEU C 241 -8.53 12.28 1.83
C LEU C 241 -9.98 12.51 1.48
N ASP C 242 -10.67 13.27 2.33
CA ASP C 242 -12.08 13.60 2.12
C ASP C 242 -12.89 12.39 1.71
N ARG C 243 -12.74 11.30 2.44
CA ARG C 243 -13.44 10.03 2.16
C ARG C 243 -14.90 9.97 2.56
N LYS C 244 -15.23 10.65 3.65
CA LYS C 244 -16.59 10.66 4.19
C LYS C 244 -17.00 9.31 4.82
N ARG C 245 -16.08 8.75 5.60
CA ARG C 245 -16.31 7.50 6.31
C ARG C 245 -17.35 7.73 7.42
N VAL C 246 -18.10 6.68 7.77
CA VAL C 246 -19.09 6.77 8.86
C VAL C 246 -18.44 6.07 10.04
N LEU C 247 -18.08 6.84 11.05
CA LEU C 247 -17.42 6.32 12.24
C LEU C 247 -17.96 6.98 13.52
N PRO C 248 -17.93 6.26 14.65
CA PRO C 248 -18.42 6.83 15.90
C PRO C 248 -17.33 7.64 16.61
N CYS C 249 -17.60 8.93 16.84
CA CYS C 249 -16.64 9.80 17.52
C CYS C 249 -17.30 10.69 18.56
N ALA C 250 -16.47 11.31 19.39
CA ALA C 250 -16.94 12.20 20.46
C ALA C 250 -17.20 13.62 19.92
N VAL C 251 -18.47 13.92 19.62
CA VAL C 251 -18.85 15.22 19.09
C VAL C 251 -20.01 15.90 19.85
N GLY C 252 -20.08 17.22 19.80
CA GLY C 252 -21.13 17.95 20.48
C GLY C 252 -22.52 17.82 19.85
N LEU C 253 -23.52 17.50 20.66
CA LEU C 253 -24.89 17.34 20.17
C LEU C 253 -25.74 18.57 20.46
N GLU C 254 -26.94 18.59 19.89
CA GLU C 254 -27.88 19.69 20.08
C GLU C 254 -29.30 19.25 19.67
N GLY C 255 -29.77 18.15 20.23
CA GLY C 255 -31.11 17.69 19.91
C GLY C 255 -31.29 16.21 19.64
N GLN C 256 -30.49 15.66 18.73
CA GLN C 256 -30.59 14.24 18.42
C GLN C 256 -30.39 13.40 19.67
N TYR C 257 -31.19 12.36 19.81
CA TYR C 257 -31.11 11.49 20.98
C TYR C 257 -31.58 12.27 22.23
N GLY C 258 -32.26 13.39 22.00
CA GLY C 258 -32.75 14.21 23.09
C GLY C 258 -31.63 14.71 23.96
N ILE C 259 -30.45 14.82 23.39
CA ILE C 259 -29.27 15.30 24.12
C ILE C 259 -28.91 16.68 23.55
N ASP C 260 -28.37 17.55 24.40
CA ASP C 260 -28.03 18.90 23.96
C ASP C 260 -26.75 19.44 24.58
N LYS C 261 -25.98 20.15 23.76
CA LYS C 261 -24.71 20.79 24.14
C LYS C 261 -23.63 19.92 24.79
N THR C 262 -23.88 18.63 24.95
CA THR C 262 -22.89 17.78 25.57
C THR C 262 -22.20 16.90 24.53
N PHE C 263 -20.93 16.56 24.81
CA PHE C 263 -20.14 15.71 23.91
C PHE C 263 -20.39 14.23 24.10
N VAL C 264 -20.92 13.61 23.06
CA VAL C 264 -21.25 12.19 23.10
C VAL C 264 -20.67 11.44 21.89
N GLY C 265 -20.42 10.14 22.05
CA GLY C 265 -19.92 9.37 20.94
C GLY C 265 -21.05 8.78 20.11
N VAL C 266 -21.20 9.24 18.87
CA VAL C 266 -22.24 8.74 17.96
C VAL C 266 -21.67 8.56 16.55
N PRO C 267 -22.48 8.04 15.60
CA PRO C 267 -22.08 7.81 14.21
C PRO C 267 -22.03 9.11 13.41
N VAL C 268 -20.84 9.50 12.93
CA VAL C 268 -20.73 10.76 12.17
C VAL C 268 -19.95 10.65 10.86
N LYS C 269 -20.38 11.40 9.85
CA LYS C 269 -19.70 11.40 8.54
C LYS C 269 -18.46 12.30 8.56
N LEU C 270 -17.29 11.73 8.26
CA LEU C 270 -16.03 12.49 8.31
C LEU C 270 -15.38 12.89 6.99
N GLY C 271 -15.15 14.20 6.85
CA GLY C 271 -14.53 14.74 5.65
C GLY C 271 -13.47 15.79 5.91
N ARG C 272 -13.08 16.49 4.85
CA ARG C 272 -12.05 17.54 4.91
C ARG C 272 -12.46 18.74 5.76
N ASN C 273 -13.76 18.82 6.07
CA ASN C 273 -14.31 19.90 6.89
C ASN C 273 -14.65 19.52 8.33
N GLY C 274 -14.17 18.36 8.78
CA GLY C 274 -14.46 17.92 10.13
C GLY C 274 -15.75 17.10 10.13
N VAL C 275 -16.68 17.43 11.04
CA VAL C 275 -17.96 16.74 11.13
C VAL C 275 -18.94 17.29 10.10
N GLU C 276 -19.38 16.46 9.15
CA GLU C 276 -20.32 16.93 8.11
C GLU C 276 -21.76 16.40 8.23
N GLN C 277 -21.99 15.49 9.17
CA GLN C 277 -23.33 14.97 9.41
C GLN C 277 -23.36 13.99 10.58
N ILE C 278 -24.39 14.12 11.40
CA ILE C 278 -24.57 13.25 12.55
C ILE C 278 -25.83 12.40 12.36
N TYR C 279 -25.69 11.09 12.51
CA TYR C 279 -26.83 10.20 12.34
C TYR C 279 -27.56 9.85 13.64
N GLU C 280 -28.88 9.77 13.54
CA GLU C 280 -29.73 9.44 14.67
C GLU C 280 -30.32 8.07 14.33
N ILE C 281 -29.74 7.02 14.91
CA ILE C 281 -30.19 5.66 14.64
C ILE C 281 -31.33 5.21 15.54
N ASN C 282 -32.16 4.32 15.03
CA ASN C 282 -33.33 3.83 15.78
C ASN C 282 -33.01 2.88 16.93
N LEU C 283 -32.34 3.39 17.95
CA LEU C 283 -31.99 2.61 19.13
C LEU C 283 -33.24 2.17 19.89
N ASP C 284 -33.08 1.14 20.70
CA ASP C 284 -34.18 0.64 21.52
C ASP C 284 -34.14 1.42 22.82
N GLN C 285 -35.32 1.70 23.37
CA GLN C 285 -35.42 2.48 24.60
C GLN C 285 -34.34 2.23 25.63
N ALA C 286 -34.08 0.97 25.95
CA ALA C 286 -33.08 0.61 26.96
C ALA C 286 -31.69 1.21 26.73
N ASP C 287 -31.23 1.19 25.48
CA ASP C 287 -29.91 1.74 25.15
C ASP C 287 -29.96 3.26 25.14
N LEU C 288 -31.07 3.80 24.62
CA LEU C 288 -31.27 5.24 24.53
C LEU C 288 -31.19 5.84 25.93
N ASP C 289 -31.75 5.13 26.90
CA ASP C 289 -31.74 5.58 28.30
C ASP C 289 -30.32 5.64 28.84
N LEU C 290 -29.56 4.59 28.58
CA LEU C 290 -28.19 4.52 29.08
C LEU C 290 -27.38 5.70 28.57
N LEU C 291 -27.65 6.10 27.32
CA LEU C 291 -26.93 7.21 26.70
C LEU C 291 -27.23 8.55 27.36
N GLN C 292 -28.49 8.95 27.34
CA GLN C 292 -28.90 10.22 27.95
C GLN C 292 -28.40 10.34 29.39
N LYS C 293 -28.51 9.25 30.15
CA LYS C 293 -28.08 9.23 31.55
C LYS C 293 -26.59 9.48 31.69
N SER C 294 -25.80 8.74 30.92
CA SER C 294 -24.35 8.84 30.98
C SER C 294 -23.88 10.24 30.59
N ALA C 295 -24.66 10.90 29.75
CA ALA C 295 -24.33 12.23 29.30
C ALA C 295 -24.39 13.24 30.42
N LYS C 296 -25.46 13.22 31.20
CA LYS C 296 -25.61 14.15 32.32
C LYS C 296 -24.43 14.02 33.26
N ILE C 297 -23.78 12.87 33.22
CA ILE C 297 -22.61 12.60 34.06
C ILE C 297 -21.48 13.54 33.64
N VAL C 298 -21.40 13.78 32.33
CA VAL C 298 -20.37 14.68 31.79
C VAL C 298 -20.72 16.10 32.21
N ASP C 299 -21.99 16.46 32.10
CA ASP C 299 -22.46 17.79 32.47
C ASP C 299 -22.11 18.10 33.92
N GLU C 300 -22.14 17.08 34.77
CA GLU C 300 -21.81 17.25 36.19
C GLU C 300 -20.34 17.58 36.39
N ASN C 301 -19.47 16.73 35.84
CA ASN C 301 -18.02 16.91 35.97
C ASN C 301 -17.50 18.19 35.34
N CYS C 302 -18.18 18.66 34.30
CA CYS C 302 -17.76 19.88 33.61
C CYS C 302 -17.93 21.12 34.47
N LYS C 303 -18.99 21.16 35.26
CA LYS C 303 -19.27 22.32 36.11
C LYS C 303 -18.35 22.41 37.33
N MET C 304 -17.90 21.26 37.82
CA MET C 304 -17.02 21.26 38.99
C MET C 304 -15.60 21.67 38.60
N LEU C 305 -15.42 22.10 37.35
CA LEU C 305 -14.10 22.52 36.87
C LEU C 305 -14.01 24.03 36.67
N MET D 1 4.03 -19.40 -4.90
CA MET D 1 2.69 -19.02 -5.43
C MET D 1 2.75 -18.75 -6.95
N LYS D 2 2.18 -19.65 -7.73
CA LYS D 2 2.15 -19.54 -9.19
C LYS D 2 0.71 -19.50 -9.68
N ILE D 3 0.39 -18.54 -10.55
CA ILE D 3 -0.97 -18.38 -11.07
C ILE D 3 -1.03 -18.31 -12.60
N THR D 4 -2.05 -18.96 -13.18
CA THR D 4 -2.27 -18.98 -14.63
C THR D 4 -3.62 -18.37 -14.97
N VAL D 5 -3.64 -17.47 -15.96
CA VAL D 5 -4.86 -16.81 -16.41
C VAL D 5 -5.11 -17.19 -17.89
N ILE D 6 -6.27 -17.78 -18.17
CA ILE D 6 -6.63 -18.19 -19.52
C ILE D 6 -7.48 -17.08 -20.14
N GLY D 7 -7.05 -16.58 -21.29
CA GLY D 7 -7.77 -15.50 -21.97
C GLY D 7 -6.93 -14.23 -21.86
N ALA D 8 -6.58 -13.65 -23.01
CA ALA D 8 -5.76 -12.45 -23.01
C ALA D 8 -6.55 -11.21 -23.42
N GLY D 9 -7.86 -11.27 -23.18
CA GLY D 9 -8.73 -10.14 -23.47
C GLY D 9 -8.59 -9.10 -22.38
N ASN D 10 -9.48 -8.11 -22.34
CA ASN D 10 -9.38 -7.08 -21.31
C ASN D 10 -9.53 -7.60 -19.87
N VAL D 11 -10.43 -8.56 -19.67
CA VAL D 11 -10.65 -9.12 -18.35
C VAL D 11 -9.44 -9.90 -17.82
N GLY D 12 -8.95 -10.87 -18.60
CA GLY D 12 -7.81 -11.67 -18.18
C GLY D 12 -6.54 -10.91 -17.86
N ALA D 13 -6.22 -9.96 -18.72
CA ALA D 13 -5.03 -9.15 -18.58
C ALA D 13 -5.13 -8.18 -17.40
N THR D 14 -6.26 -7.50 -17.30
CA THR D 14 -6.46 -6.56 -16.20
C THR D 14 -6.31 -7.31 -14.87
N THR D 15 -6.79 -8.55 -14.85
CA THR D 15 -6.70 -9.38 -13.66
C THR D 15 -5.23 -9.66 -13.39
N ALA D 16 -4.54 -10.16 -14.40
CA ALA D 16 -3.13 -10.50 -14.28
C ALA D 16 -2.29 -9.37 -13.74
N PHE D 17 -2.39 -8.21 -14.36
CA PHE D 17 -1.58 -7.09 -13.89
C PHE D 17 -1.84 -6.68 -12.44
N ARG D 18 -3.10 -6.71 -12.02
CA ARG D 18 -3.47 -6.34 -10.65
C ARG D 18 -2.86 -7.33 -9.65
N ILE D 19 -2.82 -8.60 -10.03
CA ILE D 19 -2.25 -9.63 -9.17
C ILE D 19 -0.75 -9.37 -8.90
N ALA D 20 -0.01 -8.99 -9.93
CA ALA D 20 1.42 -8.75 -9.74
C ALA D 20 1.70 -7.45 -8.99
N ASP D 21 0.84 -6.48 -9.18
CA ASP D 21 0.99 -5.18 -8.52
C ASP D 21 0.86 -5.30 -6.99
N LYS D 22 -0.09 -6.11 -6.54
CA LYS D 22 -0.30 -6.33 -5.10
C LYS D 22 0.63 -7.40 -4.52
N LYS D 23 1.54 -7.91 -5.35
CA LYS D 23 2.51 -8.93 -4.94
C LYS D 23 1.88 -10.22 -4.40
N LEU D 24 0.79 -10.65 -5.03
CA LEU D 24 0.08 -11.85 -4.61
C LEU D 24 0.51 -13.12 -5.37
N ALA D 25 1.72 -13.10 -5.90
CA ALA D 25 2.27 -14.23 -6.65
C ALA D 25 3.76 -14.05 -6.90
N ARG D 26 4.44 -15.17 -7.07
CA ARG D 26 5.87 -15.21 -7.34
C ARG D 26 6.06 -15.37 -8.85
N GLU D 27 5.19 -16.18 -9.45
CA GLU D 27 5.21 -16.46 -10.88
C GLU D 27 3.80 -16.30 -11.44
N LEU D 28 3.70 -15.97 -12.72
CA LEU D 28 2.41 -15.77 -13.35
C LEU D 28 2.54 -16.03 -14.85
N VAL D 29 1.49 -16.54 -15.49
CA VAL D 29 1.56 -16.78 -16.93
C VAL D 29 0.22 -16.48 -17.62
N LEU D 30 0.26 -15.63 -18.63
CA LEU D 30 -0.91 -15.25 -19.41
C LEU D 30 -0.94 -16.18 -20.62
N LEU D 31 -2.06 -16.85 -20.85
CA LEU D 31 -2.16 -17.81 -21.95
C LEU D 31 -3.39 -17.65 -22.84
N ASP D 32 -3.20 -17.87 -24.14
CA ASP D 32 -4.32 -17.80 -25.08
C ASP D 32 -4.00 -18.59 -26.35
N VAL D 33 -5.04 -18.88 -27.12
CA VAL D 33 -4.91 -19.65 -28.35
C VAL D 33 -4.14 -18.93 -29.46
N VAL D 34 -4.50 -17.66 -29.66
CA VAL D 34 -3.92 -16.78 -30.67
C VAL D 34 -2.47 -16.35 -30.38
N GLU D 35 -1.58 -16.62 -31.31
CA GLU D 35 -0.18 -16.26 -31.15
C GLU D 35 0.00 -14.75 -31.18
N GLY D 36 0.81 -14.22 -30.28
CA GLY D 36 1.05 -12.79 -30.28
C GLY D 36 0.59 -11.96 -29.11
N ILE D 37 -0.70 -11.65 -29.06
CA ILE D 37 -1.25 -10.82 -28.00
C ILE D 37 -0.80 -11.13 -26.57
N PRO D 38 -0.90 -12.39 -26.13
CA PRO D 38 -0.47 -12.70 -24.77
C PRO D 38 1.00 -12.39 -24.47
N GLN D 39 1.89 -12.84 -25.34
CA GLN D 39 3.31 -12.59 -25.15
C GLN D 39 3.57 -11.08 -25.03
N GLY D 40 2.76 -10.31 -25.75
CA GLY D 40 2.92 -8.87 -25.72
C GLY D 40 2.59 -8.24 -24.38
N LYS D 41 1.36 -8.49 -23.91
CA LYS D 41 0.90 -7.93 -22.63
C LYS D 41 1.76 -8.35 -21.46
N GLY D 42 2.24 -9.58 -21.49
CA GLY D 42 3.07 -10.08 -20.41
C GLY D 42 4.39 -9.37 -20.27
N LEU D 43 5.01 -9.07 -21.42
CA LEU D 43 6.31 -8.39 -21.41
C LEU D 43 6.16 -6.97 -20.89
N ASP D 44 5.15 -6.26 -21.39
CA ASP D 44 4.86 -4.87 -20.99
C ASP D 44 4.75 -4.85 -19.47
N MET D 45 3.89 -5.73 -18.95
CA MET D 45 3.68 -5.88 -17.50
C MET D 45 5.02 -6.10 -16.79
N TYR D 46 5.78 -7.11 -17.23
CA TYR D 46 7.08 -7.35 -16.59
C TYR D 46 7.97 -6.12 -16.57
N GLU D 47 7.94 -5.36 -17.66
CA GLU D 47 8.77 -4.15 -17.74
C GLU D 47 8.26 -3.05 -16.83
N THR D 48 7.10 -3.27 -16.24
CA THR D 48 6.52 -2.28 -15.32
C THR D 48 7.16 -2.48 -13.95
N GLY D 49 7.81 -3.63 -13.78
CA GLY D 49 8.45 -3.99 -12.53
C GLY D 49 9.30 -2.98 -11.78
N PRO D 50 10.24 -2.28 -12.43
CA PRO D 50 11.06 -1.31 -11.70
C PRO D 50 10.31 -0.08 -11.20
N VAL D 51 9.10 0.12 -11.71
CA VAL D 51 8.29 1.27 -11.31
C VAL D 51 7.32 0.87 -10.20
N GLY D 52 6.64 -0.27 -10.38
CA GLY D 52 5.71 -0.76 -9.39
C GLY D 52 6.39 -1.28 -8.11
N LEU D 53 7.68 -1.60 -8.23
CA LEU D 53 8.47 -2.11 -7.10
C LEU D 53 8.14 -3.55 -6.79
N PHE D 54 7.68 -4.29 -7.81
CA PHE D 54 7.36 -5.68 -7.63
C PHE D 54 8.28 -6.58 -8.45
N ASP D 55 8.68 -7.72 -7.87
CA ASP D 55 9.57 -8.63 -8.57
C ASP D 55 8.94 -9.94 -9.08
N THR D 56 7.64 -9.90 -9.41
CA THR D 56 6.94 -11.08 -9.94
C THR D 56 7.59 -11.48 -11.28
N LYS D 57 7.23 -12.64 -11.82
CA LYS D 57 7.78 -13.10 -13.08
C LYS D 57 6.64 -13.41 -14.03
N ILE D 58 6.37 -12.48 -14.94
CA ILE D 58 5.28 -12.63 -15.90
C ILE D 58 5.78 -13.14 -17.27
N THR D 59 4.94 -13.92 -17.95
CA THR D 59 5.28 -14.45 -19.27
C THR D 59 4.03 -14.91 -20.01
N GLY D 60 3.75 -14.30 -21.15
CA GLY D 60 2.59 -14.70 -21.94
C GLY D 60 2.94 -15.99 -22.66
N SER D 61 1.94 -16.69 -23.19
CA SER D 61 2.21 -17.94 -23.87
C SER D 61 1.01 -18.56 -24.58
N ASN D 62 1.31 -19.58 -25.39
CA ASN D 62 0.31 -20.31 -26.16
C ASN D 62 0.46 -21.81 -25.87
N ASP D 63 1.43 -22.15 -25.03
CA ASP D 63 1.71 -23.54 -24.68
C ASP D 63 1.33 -23.92 -23.22
N TYR D 64 0.36 -24.82 -23.06
CA TYR D 64 -0.11 -25.26 -21.74
C TYR D 64 0.97 -25.84 -20.83
N ALA D 65 2.08 -26.27 -21.40
CA ALA D 65 3.15 -26.85 -20.60
C ALA D 65 3.78 -25.83 -19.65
N ASP D 66 3.42 -24.56 -19.83
CA ASP D 66 3.95 -23.50 -18.98
C ASP D 66 3.07 -23.38 -17.73
N THR D 67 1.81 -23.78 -17.87
CA THR D 67 0.85 -23.72 -16.77
C THR D 67 1.14 -24.78 -15.72
N ALA D 68 2.13 -25.63 -15.97
CA ALA D 68 2.49 -26.70 -15.04
C ALA D 68 2.75 -26.23 -13.61
N ASP D 69 2.12 -26.92 -12.65
CA ASP D 69 2.22 -26.65 -11.21
C ASP D 69 1.63 -25.33 -10.76
N SER D 70 0.43 -25.04 -11.21
CA SER D 70 -0.22 -23.80 -10.82
C SER D 70 -1.15 -23.99 -9.62
N ASP D 71 -0.97 -23.15 -8.59
CA ASP D 71 -1.81 -23.22 -7.39
C ASP D 71 -3.20 -22.65 -7.71
N ILE D 72 -3.26 -21.62 -8.56
CA ILE D 72 -4.54 -21.00 -8.92
C ILE D 72 -4.70 -20.77 -10.44
N VAL D 73 -5.84 -21.17 -11.01
CA VAL D 73 -6.12 -21.02 -12.43
C VAL D 73 -7.47 -20.33 -12.72
N ILE D 74 -7.42 -19.14 -13.34
CA ILE D 74 -8.62 -18.37 -13.67
C ILE D 74 -9.06 -18.50 -15.14
N ILE D 75 -10.31 -18.89 -15.39
CA ILE D 75 -10.80 -19.06 -16.77
C ILE D 75 -11.70 -17.93 -17.26
N THR D 76 -11.20 -17.10 -18.18
CA THR D 76 -12.00 -15.99 -18.70
C THR D 76 -12.45 -16.27 -20.11
N ALA D 77 -12.25 -17.49 -20.58
CA ALA D 77 -12.65 -17.84 -21.93
C ALA D 77 -14.16 -17.80 -22.13
N GLY D 78 -14.67 -16.65 -22.54
CA GLY D 78 -16.11 -16.52 -22.77
C GLY D 78 -16.39 -15.52 -23.86
N LEU D 79 -17.53 -15.65 -24.53
CA LEU D 79 -17.90 -14.75 -25.61
C LEU D 79 -19.03 -13.81 -25.16
N LEU D 90 -24.71 -19.15 -28.13
CA LEU D 90 -23.64 -18.72 -27.24
C LEU D 90 -23.40 -19.75 -26.15
N LEU D 91 -24.47 -20.45 -25.76
CA LEU D 91 -24.36 -21.46 -24.73
C LEU D 91 -23.55 -22.65 -25.23
N MET D 92 -23.67 -22.93 -26.52
CA MET D 92 -22.94 -24.04 -27.13
C MET D 92 -21.47 -23.65 -27.29
N LYS D 93 -21.25 -22.45 -27.79
CA LYS D 93 -19.90 -21.94 -28.01
C LYS D 93 -19.02 -21.97 -26.76
N ASN D 94 -19.48 -21.34 -25.68
CA ASN D 94 -18.70 -21.30 -24.44
C ASN D 94 -18.59 -22.64 -23.74
N ALA D 95 -19.59 -23.50 -23.92
CA ALA D 95 -19.60 -24.81 -23.29
C ALA D 95 -18.42 -25.65 -23.75
N GLY D 96 -18.22 -25.72 -25.06
CA GLY D 96 -17.11 -26.49 -25.60
C GLY D 96 -15.77 -25.88 -25.25
N ILE D 97 -15.75 -24.55 -25.09
CA ILE D 97 -14.51 -23.84 -24.76
C ILE D 97 -14.01 -24.17 -23.36
N VAL D 98 -14.91 -24.03 -22.37
CA VAL D 98 -14.56 -24.31 -20.98
C VAL D 98 -14.15 -25.77 -20.86
N LYS D 99 -14.93 -26.63 -21.49
CA LYS D 99 -14.66 -28.05 -21.48
C LYS D 99 -13.22 -28.32 -21.90
N GLU D 100 -12.85 -27.83 -23.08
CA GLU D 100 -11.51 -28.04 -23.58
C GLU D 100 -10.41 -27.36 -22.73
N VAL D 101 -10.65 -26.13 -22.27
CA VAL D 101 -9.64 -25.45 -21.46
C VAL D 101 -9.29 -26.28 -20.22
N THR D 102 -10.34 -26.77 -19.56
CA THR D 102 -10.22 -27.55 -18.34
C THR D 102 -9.47 -28.86 -18.54
N ASP D 103 -9.91 -29.68 -19.49
CA ASP D 103 -9.24 -30.95 -19.76
C ASP D 103 -7.73 -30.72 -19.91
N ASN D 104 -7.36 -29.63 -20.57
CA ASN D 104 -5.96 -29.32 -20.78
C ASN D 104 -5.20 -28.91 -19.53
N ILE D 105 -5.71 -27.91 -18.80
CA ILE D 105 -5.01 -27.46 -17.59
C ILE D 105 -4.79 -28.58 -16.60
N MET D 106 -5.76 -29.50 -16.52
CA MET D 106 -5.65 -30.65 -15.61
C MET D 106 -4.51 -31.60 -15.98
N LYS D 107 -4.13 -31.64 -17.25
CA LYS D 107 -3.04 -32.51 -17.68
C LYS D 107 -1.67 -32.03 -17.20
N HIS D 108 -1.60 -30.84 -16.60
CA HIS D 108 -0.31 -30.33 -16.16
C HIS D 108 -0.26 -29.84 -14.71
N SER D 109 -1.44 -29.65 -14.11
CA SER D 109 -1.54 -29.23 -12.69
C SER D 109 -2.38 -30.21 -11.88
N LYS D 110 -1.71 -30.81 -10.90
CA LYS D 110 -2.28 -31.81 -9.99
C LYS D 110 -3.56 -31.42 -9.26
N ASN D 111 -3.52 -30.32 -8.50
CA ASN D 111 -4.67 -29.86 -7.70
C ASN D 111 -4.75 -28.35 -7.57
N PRO D 112 -5.37 -27.67 -8.54
CA PRO D 112 -5.48 -26.20 -8.46
C PRO D 112 -6.87 -25.70 -8.05
N ILE D 113 -6.97 -24.42 -7.69
CA ILE D 113 -8.26 -23.83 -7.36
C ILE D 113 -8.70 -23.15 -8.66
N ILE D 114 -9.79 -23.60 -9.24
CA ILE D 114 -10.27 -23.00 -10.48
C ILE D 114 -11.28 -21.91 -10.16
N ILE D 115 -11.25 -20.82 -10.93
CA ILE D 115 -12.17 -19.70 -10.76
C ILE D 115 -12.80 -19.37 -12.12
N VAL D 116 -14.02 -19.86 -12.34
CA VAL D 116 -14.70 -19.62 -13.61
C VAL D 116 -15.19 -18.19 -13.73
N VAL D 117 -15.19 -17.69 -14.95
CA VAL D 117 -15.63 -16.33 -15.22
C VAL D 117 -16.44 -16.21 -16.51
N SER D 118 -16.92 -17.33 -17.04
CA SER D 118 -17.68 -17.31 -18.29
C SER D 118 -19.14 -16.89 -18.12
N ASN D 119 -19.95 -17.17 -19.13
CA ASN D 119 -21.37 -16.81 -19.11
C ASN D 119 -22.16 -17.68 -20.10
N PRO D 120 -23.35 -18.15 -19.71
CA PRO D 120 -24.01 -17.92 -18.42
C PRO D 120 -23.13 -18.52 -17.33
N LEU D 121 -22.75 -17.69 -16.36
CA LEU D 121 -21.85 -18.08 -15.27
C LEU D 121 -22.05 -19.37 -14.47
N ASP D 122 -23.28 -19.68 -14.08
CA ASP D 122 -23.48 -20.89 -13.29
C ASP D 122 -23.29 -22.13 -14.14
N ILE D 123 -24.04 -22.22 -15.22
CA ILE D 123 -23.94 -23.35 -16.11
C ILE D 123 -22.47 -23.67 -16.43
N MET D 124 -21.68 -22.64 -16.75
CA MET D 124 -20.27 -22.80 -17.07
C MET D 124 -19.40 -23.24 -15.90
N THR D 125 -19.76 -22.84 -14.68
CA THR D 125 -18.97 -23.25 -13.53
C THR D 125 -19.27 -24.72 -13.25
N HIS D 126 -20.47 -25.14 -13.63
CA HIS D 126 -20.90 -26.53 -13.44
C HIS D 126 -20.08 -27.44 -14.36
N VAL D 127 -20.00 -27.04 -15.62
CA VAL D 127 -19.24 -27.77 -16.64
C VAL D 127 -17.78 -27.95 -16.28
N ALA D 128 -17.14 -26.87 -15.86
CA ALA D 128 -15.73 -26.92 -15.50
C ALA D 128 -15.49 -27.96 -14.42
N TRP D 129 -16.29 -27.90 -13.36
CA TRP D 129 -16.16 -28.81 -12.24
C TRP D 129 -16.24 -30.29 -12.66
N VAL D 130 -17.24 -30.63 -13.45
CA VAL D 130 -17.41 -32.02 -13.89
C VAL D 130 -16.23 -32.53 -14.71
N ARG D 131 -15.60 -31.65 -15.47
CA ARG D 131 -14.47 -32.03 -16.31
C ARG D 131 -13.16 -31.99 -15.53
N SER D 132 -13.15 -31.30 -14.39
CA SER D 132 -11.95 -31.18 -13.58
C SER D 132 -11.70 -32.41 -12.72
N GLY D 133 -12.76 -33.12 -12.37
CA GLY D 133 -12.61 -34.29 -11.53
C GLY D 133 -12.03 -33.89 -10.17
N LEU D 134 -12.34 -32.68 -9.74
CA LEU D 134 -11.83 -32.17 -8.47
C LEU D 134 -12.94 -32.05 -7.40
N PRO D 135 -12.55 -32.01 -6.11
CA PRO D 135 -13.54 -31.88 -5.04
C PRO D 135 -14.24 -30.54 -5.31
N LYS D 136 -15.57 -30.48 -5.24
CA LYS D 136 -16.28 -29.23 -5.52
C LYS D 136 -15.85 -28.02 -4.68
N GLU D 137 -15.02 -28.26 -3.67
CA GLU D 137 -14.51 -27.20 -2.79
C GLU D 137 -13.33 -26.47 -3.43
N ARG D 138 -13.08 -26.74 -4.72
CA ARG D 138 -11.98 -26.12 -5.43
C ARG D 138 -12.38 -25.42 -6.74
N VAL D 139 -13.65 -25.53 -7.12
CA VAL D 139 -14.19 -24.92 -8.33
C VAL D 139 -15.25 -23.86 -7.96
N ILE D 140 -14.98 -22.60 -8.29
CA ILE D 140 -15.90 -21.51 -7.99
C ILE D 140 -16.18 -20.54 -9.17
N GLY D 141 -17.22 -19.74 -9.01
CA GLY D 141 -17.60 -18.76 -10.03
C GLY D 141 -17.71 -17.34 -9.45
N MET D 142 -17.23 -16.35 -10.19
CA MET D 142 -17.27 -14.95 -9.75
C MET D 142 -18.49 -14.21 -10.33
N ALA D 143 -19.46 -13.89 -9.48
CA ALA D 143 -20.65 -13.17 -9.94
C ALA D 143 -21.25 -12.33 -8.82
N GLY D 144 -21.17 -12.84 -7.59
CA GLY D 144 -21.71 -12.11 -6.46
C GLY D 144 -20.94 -10.82 -6.16
N VAL D 145 -19.62 -10.91 -6.10
CA VAL D 145 -18.80 -9.73 -5.81
C VAL D 145 -19.03 -8.58 -6.78
N LEU D 146 -19.34 -8.89 -8.03
CA LEU D 146 -19.57 -7.84 -9.01
C LEU D 146 -20.92 -7.16 -8.84
N ASP D 147 -22.02 -7.92 -8.81
CA ASP D 147 -23.36 -7.33 -8.63
C ASP D 147 -23.38 -6.48 -7.35
N ALA D 148 -22.70 -6.97 -6.32
CA ALA D 148 -22.61 -6.29 -5.03
C ALA D 148 -21.82 -4.99 -5.10
N ALA D 149 -20.80 -4.96 -5.94
CA ALA D 149 -19.98 -3.75 -6.10
C ALA D 149 -20.75 -2.61 -6.78
N ARG D 150 -21.61 -2.96 -7.74
CA ARG D 150 -22.40 -1.95 -8.44
C ARG D 150 -23.50 -1.42 -7.52
N PHE D 151 -24.21 -2.35 -6.88
CA PHE D 151 -25.27 -2.01 -5.95
C PHE D 151 -24.69 -1.08 -4.85
N ARG D 152 -23.48 -1.38 -4.38
CA ARG D 152 -22.84 -0.58 -3.35
C ARG D 152 -22.51 0.83 -3.85
N SER D 153 -22.11 0.93 -5.12
CA SER D 153 -21.76 2.21 -5.71
C SER D 153 -22.98 3.10 -5.95
N PHE D 154 -24.11 2.51 -6.35
CA PHE D 154 -25.33 3.29 -6.58
C PHE D 154 -25.85 3.88 -5.25
N ILE D 155 -25.66 3.13 -4.18
CA ILE D 155 -26.10 3.55 -2.85
C ILE D 155 -25.23 4.72 -2.41
N ALA D 156 -23.93 4.59 -2.58
CA ALA D 156 -23.01 5.66 -2.19
C ALA D 156 -23.34 6.95 -2.92
N MET D 157 -23.88 6.81 -4.13
CA MET D 157 -24.26 7.97 -4.93
C MET D 157 -25.53 8.57 -4.32
N GLU D 158 -26.39 7.69 -3.85
CA GLU D 158 -27.67 8.08 -3.26
C GLU D 158 -27.53 8.73 -1.88
N LEU D 159 -26.54 8.31 -1.09
CA LEU D 159 -26.34 8.83 0.26
C LEU D 159 -25.06 9.63 0.46
N GLY D 160 -24.08 9.39 -0.40
CA GLY D 160 -22.82 10.12 -0.28
C GLY D 160 -21.90 9.72 0.86
N VAL D 161 -21.62 8.43 0.97
CA VAL D 161 -20.72 7.95 2.00
C VAL D 161 -19.68 7.03 1.35
N SER D 162 -18.56 6.86 2.04
CA SER D 162 -17.50 5.99 1.57
C SER D 162 -18.12 4.63 1.25
N MET D 163 -17.68 4.03 0.15
CA MET D 163 -18.21 2.75 -0.26
C MET D 163 -17.65 1.64 0.63
N GLN D 164 -16.63 1.97 1.42
CA GLN D 164 -16.03 1.01 2.33
C GLN D 164 -16.94 0.71 3.51
N ASP D 165 -17.90 1.59 3.75
CA ASP D 165 -18.82 1.38 4.87
C ASP D 165 -20.18 0.85 4.44
N ILE D 166 -20.27 0.32 3.22
CA ILE D 166 -21.53 -0.24 2.74
C ILE D 166 -21.38 -1.73 2.46
N ASN D 167 -22.50 -2.46 2.59
CA ASN D 167 -22.54 -3.89 2.39
C ASN D 167 -23.80 -4.15 1.57
N ALA D 168 -23.72 -5.05 0.61
CA ALA D 168 -24.89 -5.37 -0.18
C ALA D 168 -24.98 -6.88 -0.28
N CYS D 169 -26.18 -7.42 -0.13
CA CYS D 169 -26.37 -8.85 -0.19
C CYS D 169 -27.00 -9.23 -1.53
N VAL D 170 -26.31 -10.08 -2.27
CA VAL D 170 -26.79 -10.51 -3.59
C VAL D 170 -26.53 -11.98 -3.83
N LEU D 171 -27.58 -12.70 -4.21
CA LEU D 171 -27.46 -14.12 -4.47
C LEU D 171 -28.16 -14.43 -5.79
N GLY D 172 -28.10 -15.70 -6.20
CA GLY D 172 -28.73 -16.10 -7.44
C GLY D 172 -27.78 -16.06 -8.62
N GLY D 173 -28.22 -15.42 -9.68
CA GLY D 173 -27.37 -15.29 -10.87
C GLY D 173 -27.41 -13.86 -11.38
N HIS D 174 -27.47 -13.70 -12.69
CA HIS D 174 -27.52 -12.37 -13.32
C HIS D 174 -28.87 -12.18 -14.01
N GLY D 175 -29.24 -10.92 -14.25
CA GLY D 175 -30.49 -10.63 -14.91
C GLY D 175 -31.72 -10.94 -14.07
N ASP D 176 -32.68 -11.63 -14.68
CA ASP D 176 -33.92 -11.99 -14.00
C ASP D 176 -33.71 -13.10 -12.98
N ALA D 177 -32.51 -13.69 -12.97
CA ALA D 177 -32.19 -14.76 -12.05
C ALA D 177 -31.40 -14.25 -10.84
N MET D 178 -31.20 -12.93 -10.78
CA MET D 178 -30.48 -12.33 -9.67
C MET D 178 -31.44 -12.22 -8.49
N VAL D 179 -30.91 -12.37 -7.28
CA VAL D 179 -31.75 -12.29 -6.08
C VAL D 179 -31.07 -11.50 -4.96
N PRO D 180 -31.38 -10.20 -4.87
CA PRO D 180 -30.81 -9.33 -3.84
C PRO D 180 -31.60 -9.42 -2.53
N VAL D 181 -30.90 -9.30 -1.41
CA VAL D 181 -31.55 -9.40 -0.11
C VAL D 181 -31.46 -8.07 0.64
N VAL D 182 -32.53 -7.28 0.51
CA VAL D 182 -32.60 -5.97 1.15
C VAL D 182 -32.32 -6.00 2.66
N LYS D 183 -32.88 -6.98 3.35
CA LYS D 183 -32.71 -7.11 4.81
C LYS D 183 -31.26 -7.19 5.28
N TYR D 184 -30.34 -7.51 4.40
CA TYR D 184 -28.94 -7.61 4.79
C TYR D 184 -28.03 -6.61 4.09
N THR D 185 -28.63 -5.57 3.50
CA THR D 185 -27.87 -4.53 2.82
C THR D 185 -27.89 -3.32 3.76
N THR D 186 -26.75 -3.00 4.33
CA THR D 186 -26.67 -1.92 5.30
C THR D 186 -25.59 -0.88 5.04
N VAL D 187 -25.62 0.17 5.87
CA VAL D 187 -24.64 1.24 5.84
C VAL D 187 -24.20 1.36 7.29
N ALA D 188 -22.92 1.14 7.55
CA ALA D 188 -22.41 1.21 8.92
C ALA D 188 -23.29 0.32 9.85
N GLY D 189 -23.89 -0.72 9.28
CA GLY D 189 -24.72 -1.62 10.06
C GLY D 189 -26.21 -1.35 9.96
N ILE D 190 -26.56 -0.13 9.58
CA ILE D 190 -27.95 0.27 9.47
C ILE D 190 -28.63 -0.22 8.20
N PRO D 191 -29.73 -0.98 8.33
CA PRO D 191 -30.42 -1.46 7.12
C PRO D 191 -30.80 -0.32 6.20
N ILE D 192 -30.83 -0.60 4.92
CA ILE D 192 -31.15 0.40 3.93
C ILE D 192 -32.60 0.84 3.91
N SER D 193 -33.50 -0.04 4.36
CA SER D 193 -34.92 0.28 4.36
C SER D 193 -35.32 1.32 5.40
N ASP D 194 -34.33 1.79 6.16
CA ASP D 194 -34.56 2.82 7.18
C ASP D 194 -33.86 4.11 6.77
N LEU D 195 -33.48 4.19 5.50
CA LEU D 195 -32.79 5.37 4.96
C LEU D 195 -33.42 5.81 3.64
N LEU D 196 -33.95 4.86 2.86
CA LEU D 196 -34.55 5.16 1.57
C LEU D 196 -35.92 4.53 1.42
N PRO D 197 -36.78 5.14 0.58
CA PRO D 197 -38.12 4.60 0.36
C PRO D 197 -38.04 3.26 -0.34
N ALA D 198 -39.07 2.46 -0.17
CA ALA D 198 -39.11 1.13 -0.78
C ALA D 198 -38.98 1.14 -2.30
N GLU D 199 -39.78 1.96 -2.98
CA GLU D 199 -39.72 1.99 -4.44
C GLU D 199 -38.43 2.65 -4.93
N THR D 200 -37.86 3.54 -4.11
CA THR D 200 -36.62 4.21 -4.48
C THR D 200 -35.51 3.16 -4.47
N ILE D 201 -35.74 2.10 -3.70
CA ILE D 201 -34.80 0.99 -3.57
C ILE D 201 -35.05 0.00 -4.71
N ASP D 202 -36.32 -0.19 -5.06
CA ASP D 202 -36.68 -1.09 -6.17
C ASP D 202 -35.96 -0.63 -7.42
N LYS D 203 -35.66 0.67 -7.45
CA LYS D 203 -34.99 1.29 -8.58
C LYS D 203 -33.51 0.92 -8.61
N LEU D 204 -32.80 1.12 -7.51
CA LEU D 204 -31.38 0.80 -7.41
C LEU D 204 -31.14 -0.68 -7.70
N VAL D 205 -32.18 -1.48 -7.50
CA VAL D 205 -32.11 -2.92 -7.74
C VAL D 205 -32.16 -3.22 -9.22
N GLU D 206 -33.14 -2.64 -9.92
CA GLU D 206 -33.28 -2.86 -11.35
C GLU D 206 -32.01 -2.43 -12.09
N ARG D 207 -31.41 -1.33 -11.64
CA ARG D 207 -30.20 -0.88 -12.28
C ARG D 207 -29.12 -1.94 -12.11
N THR D 208 -29.14 -2.64 -10.99
CA THR D 208 -28.15 -3.68 -10.75
C THR D 208 -28.35 -4.91 -11.63
N ARG D 209 -29.60 -5.27 -11.94
CA ARG D 209 -29.87 -6.42 -12.81
C ARG D 209 -29.31 -6.18 -14.22
N ASN D 210 -29.61 -5.00 -14.76
CA ASN D 210 -29.18 -4.62 -16.10
C ASN D 210 -27.80 -3.94 -16.06
N GLY D 211 -27.14 -4.00 -14.92
CA GLY D 211 -25.85 -3.37 -14.76
C GLY D 211 -24.81 -3.64 -15.82
N GLY D 212 -24.68 -4.90 -16.23
CA GLY D 212 -23.71 -5.25 -17.25
C GLY D 212 -24.05 -4.80 -18.66
N ALA D 213 -25.34 -4.67 -18.96
CA ALA D 213 -25.79 -4.25 -20.28
C ALA D 213 -25.83 -2.73 -20.46
N GLU D 214 -25.51 -2.01 -19.39
CA GLU D 214 -25.49 -0.54 -19.39
C GLU D 214 -24.12 -0.07 -19.90
N ILE D 215 -23.07 -0.70 -19.39
CA ILE D 215 -21.69 -0.41 -19.78
C ILE D 215 -21.54 -0.75 -21.28
N VAL D 216 -22.10 -1.88 -21.69
CA VAL D 216 -22.06 -2.34 -23.07
C VAL D 216 -22.76 -1.34 -23.99
N GLU D 217 -23.81 -0.72 -23.48
CA GLU D 217 -24.56 0.26 -24.23
C GLU D 217 -23.70 1.46 -24.63
N HIS D 218 -22.73 1.80 -23.78
CA HIS D 218 -21.84 2.94 -24.03
C HIS D 218 -20.68 2.58 -24.96
N LEU D 219 -19.83 1.66 -24.49
CA LEU D 219 -18.66 1.24 -25.24
C LEU D 219 -18.94 0.84 -26.69
N LYS D 220 -20.21 0.60 -27.02
CA LYS D 220 -20.61 0.20 -28.37
C LYS D 220 -20.04 -1.16 -28.74
N GLN D 221 -18.80 -1.42 -28.30
CA GLN D 221 -18.12 -2.68 -28.58
C GLN D 221 -17.42 -3.22 -27.32
N GLY D 222 -17.53 -4.53 -27.08
CA GLY D 222 -16.89 -5.13 -25.93
C GLY D 222 -17.73 -5.23 -24.66
N SER D 223 -17.05 -5.18 -23.51
CA SER D 223 -17.72 -5.29 -22.22
C SER D 223 -16.89 -4.67 -21.11
N ALA D 224 -17.52 -4.48 -19.96
CA ALA D 224 -16.85 -3.89 -18.79
C ALA D 224 -15.73 -4.82 -18.34
N PHE D 225 -14.71 -4.25 -17.70
CA PHE D 225 -13.63 -5.09 -17.24
C PHE D 225 -12.87 -4.60 -16.02
N TYR D 226 -13.02 -3.33 -15.66
CA TYR D 226 -12.32 -2.85 -14.47
C TYR D 226 -12.87 -3.40 -13.15
N ALA D 227 -14.20 -3.35 -13.00
CA ALA D 227 -14.85 -3.85 -11.78
C ALA D 227 -14.82 -5.38 -11.72
N PRO D 228 -15.15 -6.04 -12.85
CA PRO D 228 -15.16 -7.51 -12.94
C PRO D 228 -13.81 -8.15 -12.62
N ALA D 229 -12.73 -7.53 -13.08
CA ALA D 229 -11.41 -8.08 -12.82
C ALA D 229 -10.92 -7.84 -11.40
N SER D 230 -11.32 -6.72 -10.80
CA SER D 230 -10.90 -6.44 -9.44
C SER D 230 -11.60 -7.37 -8.44
N SER D 231 -12.85 -7.75 -8.76
CA SER D 231 -13.64 -8.65 -7.94
C SER D 231 -12.90 -9.98 -7.86
N VAL D 232 -12.50 -10.50 -9.02
CA VAL D 232 -11.78 -11.75 -9.08
C VAL D 232 -10.54 -11.69 -8.18
N VAL D 233 -9.84 -10.55 -8.17
CA VAL D 233 -8.64 -10.44 -7.35
C VAL D 233 -8.91 -10.41 -5.84
N GLU D 234 -10.13 -10.02 -5.47
CA GLU D 234 -10.47 -10.01 -4.04
C GLU D 234 -10.57 -11.49 -3.60
N MET D 235 -11.17 -12.31 -4.46
CA MET D 235 -11.28 -13.73 -4.20
C MET D 235 -9.86 -14.30 -4.09
N VAL D 236 -8.99 -13.93 -5.04
CA VAL D 236 -7.60 -14.41 -5.05
C VAL D 236 -6.85 -13.98 -3.78
N GLU D 237 -6.96 -12.70 -3.43
CA GLU D 237 -6.27 -12.20 -2.23
C GLU D 237 -6.65 -12.97 -0.94
N SER D 238 -7.91 -13.37 -0.84
CA SER D 238 -8.38 -14.09 0.33
C SER D 238 -7.78 -15.50 0.39
N ILE D 239 -7.73 -16.15 -0.77
CA ILE D 239 -7.16 -17.51 -0.88
C ILE D 239 -5.65 -17.49 -0.62
N VAL D 240 -4.94 -16.55 -1.24
CA VAL D 240 -3.49 -16.43 -1.12
C VAL D 240 -3.03 -16.06 0.28
N LEU D 241 -3.71 -15.09 0.87
CA LEU D 241 -3.34 -14.62 2.21
C LEU D 241 -4.07 -15.37 3.34
N ASP D 242 -4.98 -16.29 2.97
CA ASP D 242 -5.72 -17.09 3.94
C ASP D 242 -6.43 -16.18 4.95
N ARG D 243 -7.26 -15.29 4.42
CA ARG D 243 -7.99 -14.32 5.23
C ARG D 243 -9.29 -14.83 5.83
N LYS D 244 -10.00 -15.68 5.09
CA LYS D 244 -11.27 -16.23 5.53
C LYS D 244 -12.42 -15.24 5.28
N ARG D 245 -12.32 -14.48 4.20
CA ARG D 245 -13.34 -13.49 3.82
C ARG D 245 -14.67 -14.20 3.57
N VAL D 246 -15.78 -13.47 3.65
CA VAL D 246 -17.10 -14.05 3.40
C VAL D 246 -17.63 -13.35 2.14
N LEU D 247 -17.64 -14.06 1.02
CA LEU D 247 -18.09 -13.48 -0.25
C LEU D 247 -19.09 -14.32 -1.01
N PRO D 248 -20.01 -13.68 -1.74
CA PRO D 248 -21.02 -14.41 -2.52
C PRO D 248 -20.38 -14.91 -3.82
N CYS D 249 -20.44 -16.22 -4.04
CA CYS D 249 -19.87 -16.83 -5.23
C CYS D 249 -20.77 -17.96 -5.74
N ALA D 250 -20.53 -18.42 -6.97
CA ALA D 250 -21.31 -19.51 -7.55
C ALA D 250 -20.64 -20.81 -7.13
N VAL D 251 -21.27 -21.53 -6.20
CA VAL D 251 -20.72 -22.78 -5.70
C VAL D 251 -21.74 -23.90 -5.88
N GLY D 252 -21.30 -25.14 -5.64
CA GLY D 252 -22.20 -26.26 -5.77
C GLY D 252 -22.91 -26.59 -4.47
N LEU D 253 -24.24 -26.58 -4.50
CA LEU D 253 -25.01 -26.88 -3.30
C LEU D 253 -25.40 -28.36 -3.24
N GLU D 254 -25.85 -28.78 -2.06
CA GLU D 254 -26.28 -30.16 -1.84
C GLU D 254 -27.13 -30.26 -0.58
N GLY D 255 -28.25 -29.54 -0.59
CA GLY D 255 -29.14 -29.54 0.56
C GLY D 255 -29.57 -28.14 0.98
N GLN D 256 -28.60 -27.26 1.19
CA GLN D 256 -28.87 -25.89 1.61
C GLN D 256 -29.91 -25.16 0.74
N TYR D 257 -30.67 -24.28 1.38
CA TYR D 257 -31.72 -23.48 0.74
C TYR D 257 -32.76 -24.34 0.02
N GLY D 258 -32.73 -25.64 0.28
CA GLY D 258 -33.69 -26.53 -0.36
C GLY D 258 -33.31 -26.88 -1.78
N ILE D 259 -32.02 -26.71 -2.10
CA ILE D 259 -31.52 -27.00 -3.43
C ILE D 259 -30.40 -28.03 -3.35
N ASP D 260 -30.44 -29.01 -4.24
CA ASP D 260 -29.44 -30.07 -4.24
C ASP D 260 -28.99 -30.43 -5.65
N LYS D 261 -27.69 -30.67 -5.80
CA LYS D 261 -27.09 -31.05 -7.09
C LYS D 261 -27.11 -29.99 -8.21
N THR D 262 -26.55 -28.81 -7.92
CA THR D 262 -26.47 -27.74 -8.89
C THR D 262 -25.76 -26.52 -8.28
N PHE D 263 -25.28 -25.64 -9.17
CA PHE D 263 -24.55 -24.44 -8.76
C PHE D 263 -25.43 -23.19 -8.68
N VAL D 264 -25.22 -22.41 -7.62
CA VAL D 264 -25.96 -21.16 -7.37
C VAL D 264 -25.06 -20.20 -6.57
N GLY D 265 -25.38 -18.91 -6.65
CA GLY D 265 -24.59 -17.93 -5.93
C GLY D 265 -25.09 -17.68 -4.51
N VAL D 266 -24.26 -18.00 -3.52
CA VAL D 266 -24.60 -17.84 -2.12
C VAL D 266 -23.33 -17.43 -1.37
N PRO D 267 -23.47 -16.88 -0.15
CA PRO D 267 -22.33 -16.46 0.70
C PRO D 267 -21.45 -17.65 1.10
N VAL D 268 -20.14 -17.45 1.15
CA VAL D 268 -19.24 -18.54 1.53
C VAL D 268 -17.95 -18.01 2.13
N LYS D 269 -17.29 -18.83 2.95
CA LYS D 269 -16.03 -18.45 3.55
C LYS D 269 -14.92 -19.02 2.67
N LEU D 270 -13.91 -18.19 2.39
CA LEU D 270 -12.80 -18.54 1.49
C LEU D 270 -11.41 -18.55 2.17
N GLY D 271 -10.74 -19.68 2.12
CA GLY D 271 -9.42 -19.76 2.73
C GLY D 271 -8.42 -20.40 1.78
N ARG D 272 -7.23 -20.70 2.27
CA ARG D 272 -6.21 -21.30 1.42
C ARG D 272 -6.63 -22.66 0.83
N ASN D 273 -7.76 -23.20 1.27
CA ASN D 273 -8.21 -24.49 0.76
C ASN D 273 -9.47 -24.40 -0.09
N GLY D 274 -9.91 -23.17 -0.35
CA GLY D 274 -11.10 -22.97 -1.16
C GLY D 274 -12.33 -22.68 -0.33
N VAL D 275 -13.48 -23.17 -0.78
CA VAL D 275 -14.73 -23.01 -0.05
C VAL D 275 -14.58 -23.75 1.30
N GLU D 276 -14.25 -23.03 2.37
CA GLU D 276 -14.08 -23.67 3.67
C GLU D 276 -15.33 -23.65 4.54
N GLN D 277 -16.44 -23.15 3.99
CA GLN D 277 -17.70 -23.09 4.72
C GLN D 277 -18.79 -22.31 3.97
N ILE D 278 -19.97 -22.91 3.82
CA ILE D 278 -21.08 -22.24 3.15
C ILE D 278 -21.99 -21.60 4.19
N TYR D 279 -22.53 -20.43 3.89
CA TYR D 279 -23.42 -19.77 4.84
C TYR D 279 -24.84 -19.78 4.30
N GLU D 280 -25.73 -20.39 5.07
CA GLU D 280 -27.14 -20.51 4.72
C GLU D 280 -27.87 -19.46 5.55
N ILE D 281 -28.57 -18.55 4.88
CA ILE D 281 -29.28 -17.49 5.60
C ILE D 281 -30.78 -17.49 5.36
N ASN D 282 -31.50 -16.88 6.29
CA ASN D 282 -32.96 -16.81 6.27
C ASN D 282 -33.56 -15.82 5.28
N LEU D 283 -34.06 -16.34 4.18
CA LEU D 283 -34.70 -15.49 3.17
C LEU D 283 -36.19 -15.57 3.45
N ASP D 284 -36.95 -14.57 3.03
CA ASP D 284 -38.39 -14.61 3.23
C ASP D 284 -39.02 -15.37 2.07
N GLN D 285 -40.34 -15.58 2.12
CA GLN D 285 -41.07 -16.30 1.09
C GLN D 285 -40.66 -15.97 -0.35
N ALA D 286 -40.96 -14.75 -0.79
CA ALA D 286 -40.64 -14.34 -2.16
C ALA D 286 -39.20 -14.54 -2.63
N ASP D 287 -38.22 -14.26 -1.77
CA ASP D 287 -36.82 -14.40 -2.14
C ASP D 287 -36.35 -15.86 -2.25
N LEU D 288 -36.65 -16.67 -1.25
CA LEU D 288 -36.26 -18.07 -1.26
C LEU D 288 -36.87 -18.76 -2.46
N ASP D 289 -38.10 -18.38 -2.79
CA ASP D 289 -38.81 -18.98 -3.92
C ASP D 289 -38.03 -18.77 -5.23
N LEU D 290 -37.62 -17.53 -5.46
CA LEU D 290 -36.86 -17.18 -6.66
C LEU D 290 -35.55 -17.98 -6.75
N LEU D 291 -34.81 -18.02 -5.64
CA LEU D 291 -33.54 -18.73 -5.57
C LEU D 291 -33.71 -20.15 -6.03
N GLN D 292 -34.80 -20.79 -5.58
CA GLN D 292 -35.06 -22.17 -5.97
C GLN D 292 -35.52 -22.20 -7.43
N LYS D 293 -36.08 -21.08 -7.88
CA LYS D 293 -36.57 -20.98 -9.26
C LYS D 293 -35.38 -20.76 -10.22
N SER D 294 -34.33 -20.14 -9.72
CA SER D 294 -33.13 -19.90 -10.52
C SER D 294 -32.34 -21.17 -10.69
N ALA D 295 -32.14 -21.91 -9.61
CA ALA D 295 -31.39 -23.15 -9.65
C ALA D 295 -32.02 -24.18 -10.59
N LYS D 296 -33.32 -24.03 -10.85
CA LYS D 296 -34.05 -24.96 -11.74
C LYS D 296 -33.66 -24.83 -13.22
N ILE D 297 -33.70 -23.62 -13.75
CA ILE D 297 -33.35 -23.42 -15.15
C ILE D 297 -31.95 -23.99 -15.44
N VAL D 298 -31.08 -23.98 -14.43
CA VAL D 298 -29.72 -24.51 -14.58
C VAL D 298 -29.72 -26.00 -14.91
N ASP D 299 -30.47 -26.79 -14.14
CA ASP D 299 -30.55 -28.23 -14.37
C ASP D 299 -31.27 -28.48 -15.68
N GLU D 300 -32.00 -27.47 -16.14
CA GLU D 300 -32.75 -27.56 -17.39
C GLU D 300 -31.81 -27.48 -18.59
N ASN D 301 -30.60 -26.97 -18.35
CA ASN D 301 -29.60 -26.84 -19.41
C ASN D 301 -28.24 -27.44 -19.02
N CYS D 302 -28.25 -28.40 -18.11
CA CYS D 302 -27.02 -29.05 -17.67
C CYS D 302 -27.23 -30.55 -17.43
#